data_9J4G
#
_entry.id   9J4G
#
_cell.length_a   118.850
_cell.length_b   118.850
_cell.length_c   162.920
_cell.angle_alpha   90.000
_cell.angle_beta   90.000
_cell.angle_gamma   90.000
#
_symmetry.space_group_name_H-M   'P 41 21 2'
#
loop_
_entity.id
_entity.type
_entity.pdbx_description
1 polymer 'Serine hydroxymethyltransferase'
2 non-polymer [3-HYDROXY-2-METHYL-5-PHOSPHONOOXYMETHYL-PYRIDIN-4-YLMETHYL]-SERINE
3 non-polymer (+)-SHIN-2
4 water water
#
_entity_poly.entity_id   1
_entity_poly.type   'polypeptide(L)'
_entity_poly.pdbx_seq_one_letter_code
;GPGVVDYKTFDPDLWAAIAKEEERQEHNLELIASENFVSEAVMAAQGSILTNKYAEGYPGHRYYGGCEFVDIVENLAIDR
AKELFGAKFANVQPHSGSQANTAAYLALVEPGDTILGMDLSAGGHLTHGSPVNFSGKTYHFVAYGVDPTTEVIDYNVVRI
LARKHQPKLIVAGASAYGRTIDFAKFREIADEVGAKLMVDMAHIAGLVAAGLHPNPVPYADITTTTTHKTLRGPRGGMIL
TNDEALAKKINSAVFPGIQGGPLEHVIAGKAVAFKEALDPAFKEYSEQIIANAKAMVKVFNQAIGTRVISGATDNHLMLI
DVRELGINGKEAESILDSVNITVNKNSIPFETLSPFKTSGIRIGTPAITTRGFKEEDAVKVAELVVKALQAKDDNAQLDE
VKTGVRELTEKFPLHKK
;
_entity_poly.pdbx_strand_id   A,B
#
loop_
_chem_comp.id
_chem_comp.type
_chem_comp.name
_chem_comp.formula
A1L3N non-polymer (+)-SHIN-2 'C23 H26 N4 O3'
PLS non-polymer [3-HYDROXY-2-METHYL-5-PHOSPHONOOXYMETHYL-PYRIDIN-4-YLMETHYL]-SERINE 'C11 H17 N2 O8 P'
#
# COMPACT_ATOMS: atom_id res chain seq x y z
N VAL A 5 -21.05 5.40 -19.26
CA VAL A 5 -22.04 4.86 -18.32
C VAL A 5 -22.43 5.93 -17.30
N ASP A 6 -23.19 5.53 -16.28
CA ASP A 6 -23.82 6.50 -15.39
C ASP A 6 -22.82 7.16 -14.45
N TYR A 7 -21.83 6.40 -13.94
CA TYR A 7 -20.85 7.01 -13.03
C TYR A 7 -19.76 7.75 -13.78
N LYS A 8 -19.57 7.44 -15.05
CA LYS A 8 -18.68 8.25 -15.88
C LYS A 8 -19.30 9.60 -16.19
N THR A 9 -20.63 9.71 -16.21
CA THR A 9 -21.25 11.01 -16.37
C THR A 9 -21.23 11.81 -15.07
N PHE A 10 -21.31 11.11 -13.92
CA PHE A 10 -21.19 11.80 -12.64
C PHE A 10 -19.82 12.46 -12.48
N ASP A 11 -18.79 11.91 -13.10
CA ASP A 11 -17.40 12.34 -12.88
C ASP A 11 -16.61 12.27 -14.17
N PRO A 12 -16.90 13.15 -15.12
CA PRO A 12 -16.16 13.14 -16.40
C PRO A 12 -14.69 13.48 -16.26
N ASP A 13 -14.34 14.44 -15.40
CA ASP A 13 -12.95 14.75 -15.08
C ASP A 13 -12.15 13.48 -14.86
N LEU A 14 -12.57 12.68 -13.90
CA LEU A 14 -11.78 11.49 -13.54
C LEU A 14 -11.78 10.47 -14.67
N TRP A 15 -12.96 10.16 -15.22
CA TRP A 15 -13.06 9.05 -16.18
C TRP A 15 -12.47 9.43 -17.56
N ALA A 16 -12.52 10.72 -17.94
CA ALA A 16 -11.88 11.11 -19.19
C ALA A 16 -10.35 11.06 -19.09
N ALA A 17 -9.79 11.31 -17.90
CA ALA A 17 -8.36 11.13 -17.68
C ALA A 17 -7.96 9.66 -17.78
N ILE A 18 -8.76 8.76 -17.20
CA ILE A 18 -8.45 7.35 -17.32
C ILE A 18 -8.55 6.91 -18.78
N ALA A 19 -9.52 7.45 -19.51
CA ALA A 19 -9.64 7.11 -20.93
C ALA A 19 -8.42 7.56 -21.71
N LYS A 20 -7.92 8.76 -21.43
CA LYS A 20 -6.71 9.22 -22.09
C LYS A 20 -5.52 8.34 -21.72
N GLU A 21 -5.46 7.85 -20.48
CA GLU A 21 -4.34 6.99 -20.11
C GLU A 21 -4.44 5.61 -20.76
N GLU A 22 -5.66 5.10 -20.98
CA GLU A 22 -5.82 3.87 -21.75
C GLU A 22 -5.29 4.04 -23.17
N GLU A 23 -5.60 5.18 -23.81
CA GLU A 23 -5.08 5.44 -25.14
C GLU A 23 -3.58 5.59 -25.15
N ARG A 24 -3.00 6.32 -24.18
CA ARG A 24 -1.56 6.42 -24.14
C ARG A 24 -0.92 5.04 -24.04
N GLN A 25 -1.47 4.17 -23.20
CA GLN A 25 -0.86 2.85 -23.06
C GLN A 25 -0.98 2.08 -24.38
N GLU A 26 -2.09 2.26 -25.08
CA GLU A 26 -2.26 1.61 -26.38
C GLU A 26 -1.29 2.14 -27.42
N HIS A 27 -1.05 3.46 -27.46
CA HIS A 27 -0.37 4.12 -28.56
C HIS A 27 1.13 4.36 -28.34
N ASN A 28 1.64 4.19 -27.12
CA ASN A 28 3.06 4.41 -26.87
C ASN A 28 3.80 3.08 -26.84
N LEU A 29 5.11 3.16 -27.03
CA LEU A 29 5.99 2.05 -26.71
C LEU A 29 6.41 2.24 -25.26
N GLU A 30 5.97 1.35 -24.38
CA GLU A 30 6.29 1.48 -22.96
C GLU A 30 7.58 0.70 -22.73
N LEU A 31 8.70 1.43 -22.68
CA LEU A 31 10.03 0.85 -22.48
C LEU A 31 10.55 1.02 -21.05
N ILE A 32 9.73 1.48 -20.12
CA ILE A 32 10.18 1.56 -18.73
C ILE A 32 10.39 0.14 -18.18
N ALA A 33 11.61 -0.16 -17.74
CA ALA A 33 11.98 -1.55 -17.45
C ALA A 33 11.14 -2.15 -16.32
N SER A 34 10.60 -1.33 -15.43
CA SER A 34 9.86 -1.84 -14.29
C SER A 34 8.36 -1.91 -14.54
N GLU A 35 7.91 -1.63 -15.75
CA GLU A 35 6.48 -1.68 -16.02
C GLU A 35 6.10 -2.93 -16.82
N ASN A 36 4.81 -3.22 -16.83
CA ASN A 36 4.26 -4.37 -17.54
C ASN A 36 2.77 -4.08 -17.79
N PHE A 37 2.10 -5.03 -18.43
CA PHE A 37 0.64 -4.97 -18.60
C PHE A 37 0.07 -6.19 -17.89
N VAL A 38 -0.69 -5.97 -16.81
CA VAL A 38 -1.28 -7.11 -16.12
C VAL A 38 -2.46 -7.63 -16.94
N SER A 39 -2.87 -8.86 -16.64
CA SER A 39 -3.97 -9.47 -17.35
C SER A 39 -5.30 -8.90 -16.88
N GLU A 40 -6.33 -9.19 -17.69
CA GLU A 40 -7.70 -8.83 -17.31
C GLU A 40 -8.08 -9.42 -15.96
N ALA A 41 -7.67 -10.65 -15.68
CA ALA A 41 -8.02 -11.29 -14.41
C ALA A 41 -7.40 -10.57 -13.22
N VAL A 42 -6.15 -10.11 -13.34
CA VAL A 42 -5.53 -9.39 -12.26
C VAL A 42 -6.32 -8.12 -11.97
N MET A 43 -6.66 -7.37 -13.03
CA MET A 43 -7.42 -6.15 -12.86
C MET A 43 -8.77 -6.42 -12.22
N ALA A 44 -9.41 -7.55 -12.58
CA ALA A 44 -10.73 -7.84 -12.03
C ALA A 44 -10.63 -8.21 -10.55
N ALA A 45 -9.54 -8.88 -10.16
CA ALA A 45 -9.32 -9.14 -8.74
C ALA A 45 -9.13 -7.82 -7.97
N GLN A 46 -8.33 -6.91 -8.53
CA GLN A 46 -8.15 -5.61 -7.86
C GLN A 46 -9.44 -4.80 -7.83
N GLY A 47 -10.35 -5.02 -8.78
CA GLY A 47 -11.61 -4.30 -8.80
C GLY A 47 -12.77 -5.02 -8.10
N SER A 48 -12.44 -5.92 -7.19
CA SER A 48 -13.43 -6.81 -6.56
C SER A 48 -13.85 -6.27 -5.20
N ILE A 49 -14.87 -6.91 -4.63
CA ILE A 49 -15.44 -6.46 -3.35
C ILE A 49 -14.51 -6.79 -2.18
N LEU A 50 -13.37 -7.44 -2.48
CA LEU A 50 -12.39 -7.71 -1.43
C LEU A 50 -11.84 -6.43 -0.82
N THR A 51 -11.98 -5.30 -1.50
CA THR A 51 -11.52 -4.03 -0.96
C THR A 51 -12.28 -3.69 0.32
N ASN A 52 -13.46 -4.27 0.53
CA ASN A 52 -14.29 -3.94 1.68
C ASN A 52 -13.90 -4.64 2.97
N LYS A 53 -12.97 -5.61 2.95
CA LYS A 53 -12.70 -6.47 4.10
C LYS A 53 -11.45 -6.04 4.86
N TYR A 54 -11.62 -5.74 6.16
CA TYR A 54 -10.50 -5.64 7.10
C TYR A 54 -10.08 -7.04 7.54
N ALA A 55 -8.80 -7.34 7.41
CA ALA A 55 -8.28 -8.70 7.64
C ALA A 55 -6.96 -8.65 8.40
N GLU A 56 -6.91 -7.88 9.47
CA GLU A 56 -5.64 -7.75 10.16
C GLU A 56 -5.25 -9.08 10.80
N GLY A 57 -3.95 -9.34 10.84
CA GLY A 57 -3.41 -10.65 11.19
C GLY A 57 -3.06 -11.47 9.96
N TYR A 58 -3.04 -12.78 10.14
CA TYR A 58 -2.65 -13.69 9.08
C TYR A 58 -3.68 -14.81 8.96
N PRO A 59 -3.69 -15.54 7.85
CA PRO A 59 -4.71 -16.58 7.65
C PRO A 59 -4.81 -17.54 8.83
N GLY A 60 -6.04 -17.71 9.34
CA GLY A 60 -6.28 -18.54 10.51
C GLY A 60 -5.92 -17.90 11.84
N HIS A 61 -5.33 -16.71 11.83
CA HIS A 61 -4.93 -16.01 13.04
C HIS A 61 -5.25 -14.53 12.89
N ARG A 62 -6.49 -14.24 12.47
CA ARG A 62 -6.96 -12.89 12.30
C ARG A 62 -7.39 -12.31 13.63
N TYR A 63 -7.45 -10.98 13.70
CA TYR A 63 -7.77 -10.31 14.94
C TYR A 63 -9.28 -10.20 15.17
N TYR A 64 -10.06 -10.55 14.16
CA TYR A 64 -11.52 -10.56 14.24
C TYR A 64 -12.01 -11.50 13.15
N GLY A 65 -13.32 -11.71 13.12
CA GLY A 65 -13.93 -12.71 12.26
C GLY A 65 -14.29 -12.16 10.90
N GLY A 66 -14.99 -12.99 10.13
CA GLY A 66 -15.39 -12.67 8.79
C GLY A 66 -14.38 -12.98 7.71
N CYS A 67 -13.28 -13.64 8.04
CA CYS A 67 -12.16 -13.78 7.10
C CYS A 67 -12.04 -15.18 6.51
N GLU A 68 -13.12 -15.97 6.53
CA GLU A 68 -13.06 -17.35 6.04
C GLU A 68 -12.52 -17.40 4.62
N PHE A 69 -13.09 -16.60 3.73
CA PHE A 69 -12.74 -16.68 2.32
C PHE A 69 -11.53 -15.81 1.98
N VAL A 70 -11.41 -14.65 2.60
CA VAL A 70 -10.17 -13.89 2.50
C VAL A 70 -8.99 -14.79 2.84
N ASP A 71 -9.17 -15.70 3.80
CA ASP A 71 -8.10 -16.61 4.18
C ASP A 71 -7.77 -17.59 3.06
N ILE A 72 -8.78 -18.10 2.35
CA ILE A 72 -8.49 -18.96 1.20
C ILE A 72 -7.66 -18.18 0.18
N VAL A 73 -8.09 -16.96 -0.14
CA VAL A 73 -7.38 -16.17 -1.15
C VAL A 73 -5.93 -15.96 -0.75
N GLU A 74 -5.68 -15.53 0.49
CA GLU A 74 -4.31 -15.19 0.87
C GLU A 74 -3.46 -16.44 0.99
N ASN A 75 -4.04 -17.57 1.38
CA ASN A 75 -3.30 -18.84 1.38
C ASN A 75 -3.00 -19.34 -0.03
N LEU A 76 -3.87 -19.04 -1.00
CA LEU A 76 -3.52 -19.33 -2.40
C LEU A 76 -2.31 -18.51 -2.83
N ALA A 77 -2.28 -17.21 -2.48
CA ALA A 77 -1.13 -16.38 -2.80
C ALA A 77 0.13 -16.92 -2.14
N ILE A 78 0.05 -17.26 -0.86
CA ILE A 78 1.20 -17.79 -0.14
C ILE A 78 1.68 -19.09 -0.76
N ASP A 79 0.74 -19.99 -1.07
CA ASP A 79 1.15 -21.32 -1.52
C ASP A 79 1.69 -21.29 -2.94
N ARG A 80 1.05 -20.50 -3.81
CA ARG A 80 1.61 -20.35 -5.16
C ARG A 80 2.97 -19.66 -5.13
N ALA A 81 3.15 -18.70 -4.22
CA ALA A 81 4.46 -18.06 -4.10
C ALA A 81 5.52 -19.07 -3.67
N LYS A 82 5.21 -19.87 -2.64
CA LYS A 82 6.16 -20.90 -2.19
C LYS A 82 6.49 -21.85 -3.32
N GLU A 83 5.48 -22.28 -4.07
CA GLU A 83 5.71 -23.13 -5.23
C GLU A 83 6.58 -22.44 -6.27
N LEU A 84 6.22 -21.20 -6.64
CA LEU A 84 6.95 -20.49 -7.69
C LEU A 84 8.44 -20.38 -7.38
N PHE A 85 8.79 -20.14 -6.13
CA PHE A 85 10.16 -19.79 -5.83
C PHE A 85 10.89 -20.81 -4.96
N GLY A 86 10.23 -21.85 -4.48
CA GLY A 86 10.94 -22.86 -3.71
C GLY A 86 11.22 -22.45 -2.28
N ALA A 87 10.46 -21.49 -1.76
CA ALA A 87 10.65 -21.00 -0.40
C ALA A 87 9.75 -21.76 0.57
N LYS A 88 10.28 -22.01 1.77
CA LYS A 88 9.46 -22.64 2.79
C LYS A 88 8.44 -21.69 3.41
N PHE A 89 8.61 -20.38 3.25
CA PHE A 89 7.69 -19.43 3.88
C PHE A 89 7.54 -18.21 2.98
N ALA A 90 6.33 -17.64 2.99
CA ALA A 90 6.06 -16.43 2.22
C ALA A 90 5.14 -15.50 2.99
N ASN A 91 5.37 -14.20 2.85
CA ASN A 91 4.48 -13.17 3.34
C ASN A 91 4.07 -12.31 2.15
N VAL A 92 2.77 -12.24 1.88
CA VAL A 92 2.23 -11.58 0.69
C VAL A 92 1.50 -10.28 1.04
N GLN A 93 1.58 -9.84 2.30
CA GLN A 93 0.86 -8.63 2.71
C GLN A 93 1.55 -7.30 2.39
N PRO A 94 2.87 -7.24 2.20
CA PRO A 94 3.52 -5.93 2.03
C PRO A 94 2.88 -5.12 0.91
N HIS A 95 2.53 -3.85 1.22
CA HIS A 95 1.86 -2.98 0.27
C HIS A 95 2.71 -2.69 -0.97
N SER A 96 4.02 -2.94 -0.91
CA SER A 96 4.92 -2.48 -1.96
C SER A 96 6.30 -3.09 -1.73
N GLY A 97 7.17 -2.95 -2.73
CA GLY A 97 8.55 -3.35 -2.55
C GLY A 97 9.22 -2.59 -1.41
N SER A 98 8.91 -1.31 -1.27
CA SER A 98 9.53 -0.53 -0.19
C SER A 98 9.11 -1.06 1.19
N GLN A 99 7.82 -1.40 1.35
CA GLN A 99 7.41 -1.98 2.63
C GLN A 99 8.02 -3.36 2.84
N ALA A 100 8.12 -4.18 1.78
CA ALA A 100 8.79 -5.47 1.91
C ALA A 100 10.21 -5.30 2.43
N ASN A 101 10.95 -4.34 1.88
CA ASN A 101 12.33 -4.13 2.29
C ASN A 101 12.41 -3.59 3.71
N THR A 102 11.47 -2.70 4.09
CA THR A 102 11.45 -2.19 5.47
C THR A 102 11.32 -3.33 6.45
N ALA A 103 10.37 -4.25 6.21
CA ALA A 103 10.12 -5.34 7.12
C ALA A 103 11.28 -6.34 7.15
N ALA A 104 11.89 -6.57 5.99
CA ALA A 104 13.04 -7.47 5.93
C ALA A 104 14.19 -6.94 6.78
N TYR A 105 14.49 -5.65 6.65
CA TYR A 105 15.53 -5.08 7.50
C TYR A 105 15.17 -5.23 8.97
N LEU A 106 13.90 -4.98 9.32
CA LEU A 106 13.48 -5.10 10.71
C LEU A 106 13.67 -6.51 11.21
N ALA A 107 13.56 -7.51 10.34
CA ALA A 107 13.76 -8.89 10.77
C ALA A 107 15.23 -9.29 10.84
N LEU A 108 16.15 -8.48 10.31
CA LEU A 108 17.54 -8.91 10.14
C LEU A 108 18.55 -8.14 10.98
N VAL A 109 18.37 -6.82 11.14
CA VAL A 109 19.35 -5.96 11.77
C VAL A 109 18.65 -5.01 12.74
N GLU A 110 19.45 -4.30 13.51
CA GLU A 110 18.97 -3.29 14.44
C GLU A 110 19.32 -1.90 13.91
N PRO A 111 18.56 -0.89 14.29
CA PRO A 111 18.92 0.48 13.89
C PRO A 111 20.40 0.77 14.13
N GLY A 112 21.02 1.47 13.18
CA GLY A 112 22.43 1.79 13.26
C GLY A 112 23.40 0.71 12.81
N ASP A 113 22.94 -0.51 12.54
CA ASP A 113 23.84 -1.58 12.11
C ASP A 113 24.43 -1.28 10.73
N THR A 114 25.62 -1.83 10.47
CA THR A 114 26.32 -1.57 9.22
C THR A 114 25.81 -2.54 8.14
N ILE A 115 25.42 -1.99 7.00
CA ILE A 115 24.85 -2.77 5.90
C ILE A 115 25.59 -2.42 4.62
N LEU A 116 25.94 -3.45 3.85
CA LEU A 116 26.55 -3.31 2.53
C LEU A 116 25.45 -3.41 1.47
N GLY A 117 25.33 -2.41 0.60
CA GLY A 117 24.33 -2.42 -0.45
C GLY A 117 24.79 -1.71 -1.71
N MET A 118 24.13 -2.03 -2.83
CA MET A 118 24.50 -1.40 -4.10
C MET A 118 24.23 0.09 -4.13
N ASP A 119 25.26 0.83 -4.48
CA ASP A 119 25.16 2.26 -4.72
C ASP A 119 24.11 2.60 -5.78
N LEU A 120 23.45 3.76 -5.62
CA LEU A 120 22.34 4.13 -6.51
C LEU A 120 22.83 4.33 -7.95
N SER A 121 23.85 5.17 -8.13
CA SER A 121 24.43 5.38 -9.47
C SER A 121 24.84 4.07 -10.12
N ALA A 122 25.34 3.11 -9.34
CA ALA A 122 25.78 1.84 -9.90
C ALA A 122 24.63 0.93 -10.29
N GLY A 123 23.40 1.29 -9.92
CA GLY A 123 22.25 0.46 -10.24
C GLY A 123 21.42 0.02 -9.05
N GLY A 124 21.80 0.31 -7.82
CA GLY A 124 21.01 -0.11 -6.69
C GLY A 124 19.73 0.71 -6.53
N HIS A 125 18.82 0.19 -5.71
CA HIS A 125 17.56 0.88 -5.45
C HIS A 125 17.72 1.90 -4.33
N LEU A 126 16.79 2.86 -4.27
CA LEU A 126 16.85 3.85 -3.19
C LEU A 126 16.77 3.19 -1.83
N THR A 127 16.05 2.06 -1.72
CA THR A 127 15.95 1.38 -0.42
C THR A 127 17.17 0.53 -0.12
N HIS A 128 18.20 0.61 -0.95
CA HIS A 128 19.46 -0.10 -0.74
C HIS A 128 20.52 0.82 -0.16
N GLY A 129 20.10 1.91 0.50
CA GLY A 129 21.02 2.68 1.30
C GLY A 129 21.09 4.17 1.03
N SER A 130 20.17 4.71 0.21
CA SER A 130 20.17 6.14 -0.06
C SER A 130 19.94 6.94 1.23
N PRO A 131 20.67 8.04 1.45
CA PRO A 131 20.44 8.86 2.66
C PRO A 131 19.12 9.61 2.67
N VAL A 132 18.43 9.76 1.52
CA VAL A 132 17.10 10.37 1.49
C VAL A 132 16.00 9.37 1.79
N ASN A 133 16.34 8.12 2.04
CA ASN A 133 15.41 7.03 2.19
C ASN A 133 15.53 6.49 3.61
N PHE A 134 14.50 5.79 4.07
CA PHE A 134 14.57 5.21 5.41
C PHE A 134 15.80 4.32 5.59
N SER A 135 16.25 3.65 4.50
CA SER A 135 17.36 2.73 4.62
C SER A 135 18.64 3.46 5.04
N GLY A 136 19.01 4.51 4.30
CA GLY A 136 20.21 5.27 4.66
C GLY A 136 20.05 6.07 5.94
N LYS A 137 18.81 6.48 6.28
CA LYS A 137 18.61 7.22 7.52
C LYS A 137 18.70 6.32 8.74
N THR A 138 18.28 5.07 8.62
CA THR A 138 18.09 4.21 9.78
C THR A 138 19.27 3.30 10.07
N TYR A 139 20.06 2.95 9.05
CA TYR A 139 21.18 2.05 9.20
C TYR A 139 22.44 2.73 8.66
N HIS A 140 23.60 2.15 8.96
CA HIS A 140 24.87 2.66 8.42
C HIS A 140 25.22 1.87 7.16
N PHE A 141 24.86 2.43 6.01
CA PHE A 141 25.04 1.73 4.75
C PHE A 141 26.42 2.03 4.20
N VAL A 142 27.10 0.99 3.73
CA VAL A 142 28.35 1.14 3.00
C VAL A 142 28.10 0.58 1.61
N ALA A 143 28.35 1.41 0.60
CA ALA A 143 27.99 1.11 -0.77
C ALA A 143 29.10 0.34 -1.47
N TYR A 144 28.71 -0.64 -2.27
CA TYR A 144 29.57 -1.18 -3.32
C TYR A 144 28.97 -0.81 -4.68
N GLY A 145 29.82 -0.80 -5.70
CA GLY A 145 29.36 -0.39 -7.01
C GLY A 145 29.73 -1.39 -8.08
N VAL A 146 30.10 -0.86 -9.25
CA VAL A 146 30.59 -1.66 -10.34
C VAL A 146 31.96 -1.12 -10.70
N ASP A 147 32.68 -1.90 -11.49
CA ASP A 147 33.98 -1.47 -11.97
C ASP A 147 33.81 -0.36 -13.01
N PRO A 148 34.67 0.67 -12.98
CA PRO A 148 34.54 1.77 -13.95
C PRO A 148 34.73 1.37 -15.40
N THR A 149 35.56 0.37 -15.69
CA THR A 149 35.88 0.01 -17.07
C THR A 149 34.93 -1.04 -17.64
N THR A 150 34.64 -2.09 -16.87
CA THR A 150 33.71 -3.13 -17.30
C THR A 150 32.27 -2.87 -16.89
N GLU A 151 32.06 -2.00 -15.92
CA GLU A 151 30.71 -1.65 -15.44
C GLU A 151 29.93 -2.86 -14.98
N VAL A 152 30.62 -3.88 -14.43
CA VAL A 152 29.94 -4.99 -13.77
C VAL A 152 30.46 -5.05 -12.33
N ILE A 153 29.74 -5.79 -11.49
CA ILE A 153 30.13 -5.93 -10.08
C ILE A 153 31.49 -6.61 -9.98
N ASP A 154 32.38 -6.02 -9.18
CA ASP A 154 33.69 -6.63 -8.88
C ASP A 154 33.58 -7.34 -7.53
N TYR A 155 33.56 -8.66 -7.56
CA TYR A 155 33.26 -9.38 -6.33
C TYR A 155 34.42 -9.37 -5.34
N ASN A 156 35.66 -9.17 -5.79
CA ASN A 156 36.75 -8.97 -4.83
C ASN A 156 36.66 -7.63 -4.13
N VAL A 157 36.13 -6.61 -4.80
CA VAL A 157 35.91 -5.34 -4.12
C VAL A 157 34.84 -5.50 -3.05
N VAL A 158 33.77 -6.23 -3.36
CA VAL A 158 32.74 -6.50 -2.36
C VAL A 158 33.34 -7.21 -1.17
N ARG A 159 34.14 -8.25 -1.43
CA ARG A 159 34.82 -8.97 -0.36
C ARG A 159 35.70 -8.02 0.44
N ILE A 160 36.52 -7.22 -0.23
CA ILE A 160 37.37 -6.26 0.45
C ILE A 160 36.55 -5.36 1.36
N LEU A 161 35.47 -4.78 0.82
CA LEU A 161 34.61 -3.90 1.60
C LEU A 161 34.01 -4.63 2.78
N ALA A 162 33.49 -5.85 2.55
CA ALA A 162 32.90 -6.63 3.62
C ALA A 162 33.90 -6.91 4.72
N ARG A 163 35.13 -7.29 4.35
CA ARG A 163 36.14 -7.58 5.35
C ARG A 163 36.55 -6.34 6.10
N LYS A 164 36.61 -5.19 5.41
CA LYS A 164 37.01 -3.95 6.07
C LYS A 164 35.93 -3.43 7.03
N HIS A 165 34.65 -3.50 6.64
CA HIS A 165 33.61 -2.83 7.41
C HIS A 165 32.79 -3.79 8.28
N GLN A 166 33.01 -5.09 8.17
CA GLN A 166 32.33 -6.08 8.99
C GLN A 166 30.82 -5.84 9.05
N PRO A 167 30.13 -5.84 7.90
CA PRO A 167 28.70 -5.53 7.93
C PRO A 167 27.91 -6.61 8.65
N LYS A 168 26.83 -6.19 9.33
CA LYS A 168 25.88 -7.16 9.86
C LYS A 168 25.07 -7.83 8.74
N LEU A 169 24.92 -7.16 7.61
CA LEU A 169 24.06 -7.66 6.56
C LEU A 169 24.61 -7.15 5.24
N ILE A 170 24.54 -8.00 4.22
CA ILE A 170 24.86 -7.64 2.86
C ILE A 170 23.57 -7.73 2.05
N VAL A 171 23.30 -6.69 1.28
CA VAL A 171 22.12 -6.61 0.41
C VAL A 171 22.56 -6.72 -1.03
N ALA A 172 21.97 -7.66 -1.77
CA ALA A 172 22.23 -7.78 -3.19
C ALA A 172 20.92 -7.63 -3.95
N GLY A 173 21.01 -7.12 -5.18
CA GLY A 173 19.83 -6.83 -5.97
C GLY A 173 19.91 -5.41 -6.50
N ALA A 174 19.22 -5.09 -7.60
CA ALA A 174 19.47 -3.82 -8.29
C ALA A 174 18.20 -3.36 -9.00
N SER A 175 18.18 -2.07 -9.34
CA SER A 175 17.12 -1.52 -10.18
C SER A 175 17.56 -1.25 -11.61
N ALA A 176 18.83 -1.01 -11.84
CA ALA A 176 19.31 -0.65 -13.18
C ALA A 176 20.60 -1.40 -13.47
N TYR A 177 20.60 -2.70 -13.22
CA TYR A 177 21.78 -3.54 -13.46
C TYR A 177 21.39 -4.65 -14.42
N GLY A 178 22.01 -4.63 -15.62
CA GLY A 178 21.68 -5.56 -16.68
C GLY A 178 22.38 -6.91 -16.71
N ARG A 179 23.31 -7.20 -15.80
CA ARG A 179 24.09 -8.42 -15.85
C ARG A 179 23.64 -9.39 -14.75
N THR A 180 23.98 -10.66 -14.95
CA THR A 180 23.63 -11.70 -13.98
C THR A 180 24.28 -11.39 -12.64
N ILE A 181 23.53 -11.60 -11.56
CA ILE A 181 24.03 -11.36 -10.21
C ILE A 181 24.39 -12.72 -9.61
N ASP A 182 25.65 -12.88 -9.21
CA ASP A 182 26.16 -14.15 -8.68
C ASP A 182 25.85 -14.24 -7.19
N PHE A 183 24.70 -14.83 -6.87
CA PHE A 183 24.26 -14.90 -5.48
C PHE A 183 25.14 -15.84 -4.66
N ALA A 184 25.75 -16.83 -5.29
CA ALA A 184 26.68 -17.71 -4.60
C ALA A 184 27.89 -16.94 -4.08
N LYS A 185 28.49 -16.10 -4.93
CA LYS A 185 29.60 -15.27 -4.46
C LYS A 185 29.19 -14.42 -3.26
N PHE A 186 27.97 -13.88 -3.29
CA PHE A 186 27.49 -13.06 -2.17
C PHE A 186 27.33 -13.90 -0.91
N ARG A 187 26.75 -15.10 -1.05
CA ARG A 187 26.63 -16.00 0.09
C ARG A 187 28.00 -16.33 0.65
N GLU A 188 28.99 -16.48 -0.22
CA GLU A 188 30.33 -16.81 0.23
C GLU A 188 30.97 -15.64 0.96
N ILE A 189 30.84 -14.43 0.43
CA ILE A 189 31.43 -13.26 1.09
C ILE A 189 30.76 -13.02 2.42
N ALA A 190 29.43 -13.22 2.50
CA ALA A 190 28.71 -13.01 3.75
C ALA A 190 29.22 -13.96 4.83
N ASP A 191 29.36 -15.25 4.49
CA ASP A 191 29.84 -16.25 5.44
C ASP A 191 31.24 -15.94 5.92
N GLU A 192 32.09 -15.47 5.02
CA GLU A 192 33.47 -15.19 5.39
C GLU A 192 33.53 -14.13 6.49
N VAL A 193 32.65 -13.14 6.44
CA VAL A 193 32.63 -12.09 7.47
C VAL A 193 31.52 -12.26 8.48
N GLY A 194 30.76 -13.36 8.40
CA GLY A 194 29.68 -13.58 9.35
C GLY A 194 28.46 -12.70 9.18
N ALA A 195 28.25 -12.13 8.00
CA ALA A 195 27.08 -11.29 7.76
C ALA A 195 25.90 -12.14 7.31
N LYS A 196 24.70 -11.60 7.52
CA LYS A 196 23.52 -12.15 6.87
C LYS A 196 23.44 -11.66 5.41
N LEU A 197 22.63 -12.35 4.60
CA LEU A 197 22.48 -12.01 3.18
C LEU A 197 21.01 -11.77 2.86
N MET A 198 20.70 -10.57 2.35
CA MET A 198 19.37 -10.26 1.85
C MET A 198 19.43 -9.94 0.36
N VAL A 199 18.52 -10.53 -0.40
CA VAL A 199 18.44 -10.31 -1.84
C VAL A 199 17.09 -9.69 -2.17
N ASP A 200 17.12 -8.58 -2.88
CA ASP A 200 15.92 -7.94 -3.42
C ASP A 200 15.86 -8.27 -4.91
N MET A 201 15.00 -9.22 -5.30
CA MET A 201 14.92 -9.64 -6.70
C MET A 201 13.83 -8.93 -7.46
N ALA A 202 13.30 -7.82 -6.94
CA ALA A 202 12.15 -7.18 -7.57
C ALA A 202 12.23 -7.22 -9.08
N HIS A 203 13.34 -6.74 -9.65
CA HIS A 203 13.37 -6.57 -11.11
C HIS A 203 13.39 -7.91 -11.84
N ILE A 204 14.06 -8.92 -11.27
CA ILE A 204 14.31 -10.16 -11.99
C ILE A 204 13.40 -11.28 -11.52
N ALA A 205 12.40 -10.97 -10.69
CA ALA A 205 11.59 -12.00 -10.06
C ALA A 205 10.98 -12.94 -11.10
N GLY A 206 10.42 -12.39 -12.18
CA GLY A 206 9.82 -13.23 -13.18
C GLY A 206 10.84 -14.13 -13.86
N LEU A 207 12.03 -13.60 -14.12
CA LEU A 207 13.11 -14.39 -14.71
C LEU A 207 13.53 -15.54 -13.79
N VAL A 208 13.66 -15.26 -12.48
CA VAL A 208 13.94 -16.33 -11.53
C VAL A 208 12.84 -17.38 -11.58
N ALA A 209 11.58 -16.94 -11.49
CA ALA A 209 10.46 -17.86 -11.57
C ALA A 209 10.49 -18.72 -12.84
N ALA A 210 11.09 -18.21 -13.91
CA ALA A 210 11.17 -18.95 -15.16
C ALA A 210 12.43 -19.78 -15.27
N GLY A 211 13.34 -19.70 -14.29
CA GLY A 211 14.61 -20.40 -14.36
C GLY A 211 15.65 -19.78 -15.27
N LEU A 212 15.51 -18.51 -15.65
CA LEU A 212 16.43 -17.84 -16.57
C LEU A 212 17.39 -16.88 -15.87
N HIS A 213 17.38 -16.85 -14.53
CA HIS A 213 18.34 -16.16 -13.70
C HIS A 213 18.59 -17.06 -12.51
N PRO A 214 19.83 -17.15 -12.03
CA PRO A 214 20.10 -17.91 -10.81
C PRO A 214 19.13 -17.52 -9.69
N ASN A 215 18.70 -18.52 -8.91
CA ASN A 215 17.68 -18.28 -7.87
C ASN A 215 18.33 -17.86 -6.57
N PRO A 216 17.96 -16.72 -5.99
CA PRO A 216 18.58 -16.31 -4.72
C PRO A 216 17.98 -16.99 -3.49
N VAL A 217 16.78 -17.57 -3.58
CA VAL A 217 16.10 -18.01 -2.37
C VAL A 217 16.93 -19.00 -1.55
N PRO A 218 17.66 -19.96 -2.15
CA PRO A 218 18.49 -20.87 -1.34
C PRO A 218 19.69 -20.21 -0.69
N TYR A 219 20.16 -19.10 -1.22
CA TYR A 219 21.34 -18.46 -0.65
C TYR A 219 21.03 -17.37 0.35
N ALA A 220 19.88 -16.71 0.21
CA ALA A 220 19.58 -15.52 1.00
C ALA A 220 18.87 -15.91 2.29
N ASP A 221 19.25 -15.26 3.38
CA ASP A 221 18.45 -15.33 4.59
C ASP A 221 17.00 -14.92 4.31
N ILE A 222 16.81 -13.78 3.66
CA ILE A 222 15.50 -13.30 3.26
C ILE A 222 15.60 -12.82 1.82
N THR A 223 14.60 -13.16 1.02
CA THR A 223 14.45 -12.63 -0.33
C THR A 223 13.18 -11.80 -0.37
N THR A 224 13.31 -10.54 -0.83
CA THR A 224 12.17 -9.67 -1.07
C THR A 224 11.96 -9.46 -2.56
N THR A 225 10.75 -9.04 -2.91
CA THR A 225 10.43 -8.75 -4.31
C THR A 225 9.18 -7.90 -4.38
N THR A 226 9.01 -7.24 -5.52
CA THR A 226 7.71 -6.70 -5.92
C THR A 226 6.98 -7.73 -6.80
N THR A 227 5.68 -7.52 -6.96
CA THR A 227 4.89 -8.43 -7.76
C THR A 227 4.59 -7.88 -9.15
N HIS A 228 5.05 -6.68 -9.48
CA HIS A 228 4.54 -5.96 -10.65
C HIS A 228 5.55 -5.73 -11.77
N LYS A 229 6.77 -6.24 -11.65
CA LYS A 229 7.75 -5.99 -12.71
C LYS A 229 7.76 -7.18 -13.66
N THR A 230 8.86 -7.95 -13.74
CA THR A 230 8.83 -9.10 -14.67
C THR A 230 7.86 -10.18 -14.21
N LEU A 231 7.44 -10.19 -12.95
CA LEU A 231 6.41 -11.13 -12.51
C LEU A 231 5.02 -10.80 -13.04
N ARG A 232 4.80 -9.59 -13.55
CA ARG A 232 3.57 -9.22 -14.27
C ARG A 232 2.31 -9.34 -13.40
N GLY A 233 2.43 -9.05 -12.10
CA GLY A 233 1.28 -8.98 -11.23
C GLY A 233 0.88 -7.57 -10.82
N PRO A 234 0.01 -7.45 -9.83
CA PRO A 234 -0.42 -6.12 -9.38
C PRO A 234 0.71 -5.46 -8.59
N ARG A 235 0.57 -4.15 -8.34
CA ARG A 235 1.57 -3.45 -7.55
C ARG A 235 1.49 -3.92 -6.11
N GLY A 236 2.58 -4.49 -5.61
CA GLY A 236 2.64 -4.90 -4.22
C GLY A 236 4.02 -5.47 -3.95
N GLY A 237 4.22 -5.95 -2.72
CA GLY A 237 5.48 -6.56 -2.35
C GLY A 237 5.28 -7.96 -1.77
N MET A 238 6.42 -8.61 -1.50
CA MET A 238 6.36 -9.94 -0.91
C MET A 238 7.74 -10.28 -0.34
N ILE A 239 7.73 -11.13 0.69
CA ILE A 239 8.95 -11.51 1.40
C ILE A 239 9.01 -13.03 1.48
N LEU A 240 10.16 -13.60 1.15
CA LEU A 240 10.37 -15.05 1.18
C LEU A 240 11.52 -15.41 2.11
N THR A 241 11.41 -16.58 2.74
CA THR A 241 12.50 -17.12 3.55
C THR A 241 12.33 -18.63 3.68
N ASN A 242 13.44 -19.29 4.01
CA ASN A 242 13.41 -20.70 4.35
C ASN A 242 13.57 -20.95 5.84
N ASP A 243 13.76 -19.90 6.65
CA ASP A 243 14.05 -20.02 8.07
C ASP A 243 12.80 -19.69 8.89
N GLU A 244 12.33 -20.67 9.69
CA GLU A 244 11.08 -20.50 10.43
C GLU A 244 11.18 -19.39 11.49
N ALA A 245 12.34 -19.26 12.15
CA ALA A 245 12.51 -18.18 13.09
C ALA A 245 12.42 -16.82 12.40
N LEU A 246 13.06 -16.69 11.22
CA LEU A 246 12.97 -15.44 10.45
C LEU A 246 11.55 -15.20 9.96
N ALA A 247 10.87 -16.24 9.47
CA ALA A 247 9.49 -16.08 9.02
C ALA A 247 8.61 -15.47 10.11
N LYS A 248 8.80 -15.86 11.37
CA LYS A 248 8.02 -15.27 12.46
C LYS A 248 8.36 -13.79 12.64
N LYS A 249 9.66 -13.47 12.64
CA LYS A 249 10.07 -12.07 12.74
C LYS A 249 9.56 -11.27 11.56
N ILE A 250 9.59 -11.87 10.36
CA ILE A 250 9.05 -11.22 9.17
C ILE A 250 7.57 -10.90 9.36
N ASN A 251 6.79 -11.90 9.77
CA ASN A 251 5.36 -11.69 9.91
C ASN A 251 5.04 -10.61 10.95
N SER A 252 5.78 -10.60 12.06
CA SER A 252 5.58 -9.60 13.11
C SER A 252 6.00 -8.22 12.64
N ALA A 253 7.06 -8.15 11.85
CA ALA A 253 7.51 -6.86 11.33
C ALA A 253 6.48 -6.26 10.39
N VAL A 254 5.88 -7.08 9.53
CA VAL A 254 4.91 -6.54 8.58
C VAL A 254 3.66 -6.09 9.32
N PHE A 255 3.12 -6.94 10.18
CA PHE A 255 1.94 -6.61 10.97
C PHE A 255 2.06 -7.30 12.32
N PRO A 256 1.88 -6.59 13.45
CA PRO A 256 1.50 -5.17 13.56
C PRO A 256 2.65 -4.18 13.47
N GLY A 257 3.81 -4.62 13.01
CA GLY A 257 5.01 -3.79 13.00
C GLY A 257 4.90 -2.51 12.20
N ILE A 258 4.70 -2.60 10.89
CA ILE A 258 4.74 -1.42 10.03
C ILE A 258 3.48 -1.21 9.23
N GLN A 259 2.55 -2.17 9.20
CA GLN A 259 1.31 -2.05 8.44
C GLN A 259 0.13 -2.32 9.35
N GLY A 260 -1.05 -1.94 8.87
CA GLY A 260 -2.30 -2.37 9.46
C GLY A 260 -3.00 -3.39 8.59
N GLY A 261 -4.20 -3.07 8.12
CA GLY A 261 -4.93 -4.00 7.29
C GLY A 261 -4.27 -4.20 5.94
N PRO A 262 -4.16 -5.44 5.49
CA PRO A 262 -3.62 -5.70 4.14
C PRO A 262 -4.64 -5.35 3.06
N LEU A 263 -4.14 -5.19 1.83
CA LEU A 263 -5.00 -4.94 0.67
C LEU A 263 -5.39 -6.29 0.07
N GLU A 264 -6.53 -6.85 0.50
CA GLU A 264 -6.83 -8.23 0.10
C GLU A 264 -7.28 -8.33 -1.37
N HIS A 265 -7.83 -7.27 -1.96
CA HIS A 265 -8.09 -7.30 -3.40
C HIS A 265 -6.79 -7.34 -4.20
N VAL A 266 -5.73 -6.68 -3.72
CA VAL A 266 -4.44 -6.76 -4.38
C VAL A 266 -3.84 -8.14 -4.17
N ILE A 267 -4.01 -8.70 -2.97
CA ILE A 267 -3.47 -10.02 -2.67
C ILE A 267 -4.17 -11.09 -3.51
N ALA A 268 -5.47 -10.91 -3.78
CA ALA A 268 -6.15 -11.73 -4.78
C ALA A 268 -5.48 -11.60 -6.13
N GLY A 269 -5.19 -10.35 -6.55
CA GLY A 269 -4.45 -10.15 -7.79
C GLY A 269 -3.08 -10.82 -7.77
N LYS A 270 -2.43 -10.85 -6.60
CA LYS A 270 -1.17 -11.58 -6.51
C LYS A 270 -1.38 -13.08 -6.71
N ALA A 271 -2.43 -13.65 -6.10
CA ALA A 271 -2.74 -15.06 -6.34
C ALA A 271 -3.02 -15.33 -7.82
N VAL A 272 -3.77 -14.44 -8.48
CA VAL A 272 -4.05 -14.64 -9.91
C VAL A 272 -2.76 -14.65 -10.71
N ALA A 273 -1.87 -13.69 -10.44
CA ALA A 273 -0.64 -13.58 -11.19
C ALA A 273 0.34 -14.71 -10.88
N PHE A 274 0.36 -15.20 -9.64
CA PHE A 274 1.30 -16.28 -9.35
C PHE A 274 0.92 -17.54 -10.11
N LYS A 275 -0.38 -17.81 -10.25
CA LYS A 275 -0.79 -18.98 -11.03
C LYS A 275 -0.45 -18.79 -12.52
N GLU A 276 -0.60 -17.58 -13.03
CA GLU A 276 -0.16 -17.31 -14.39
C GLU A 276 1.33 -17.60 -14.54
N ALA A 277 2.13 -17.24 -13.53
CA ALA A 277 3.57 -17.45 -13.63
C ALA A 277 3.95 -18.93 -13.50
N LEU A 278 3.10 -19.72 -12.88
CA LEU A 278 3.32 -21.15 -12.75
C LEU A 278 3.02 -21.91 -14.05
N ASP A 279 2.39 -21.26 -15.01
CA ASP A 279 2.03 -21.88 -16.27
C ASP A 279 3.27 -22.00 -17.16
N PRO A 280 3.44 -23.12 -17.89
CA PRO A 280 4.61 -23.25 -18.78
C PRO A 280 4.80 -22.10 -19.76
N ALA A 281 3.72 -21.50 -20.26
CA ALA A 281 3.86 -20.38 -21.19
C ALA A 281 4.59 -19.19 -20.57
N PHE A 282 4.65 -19.10 -19.24
CA PHE A 282 5.39 -17.99 -18.62
C PHE A 282 6.89 -18.10 -18.90
N LYS A 283 7.40 -19.32 -19.04
CA LYS A 283 8.80 -19.51 -19.38
C LYS A 283 9.12 -18.98 -20.77
N GLU A 284 8.22 -19.18 -21.74
CA GLU A 284 8.47 -18.66 -23.09
C GLU A 284 8.42 -17.14 -23.11
N TYR A 285 7.42 -16.55 -22.45
CA TYR A 285 7.42 -15.10 -22.25
C TYR A 285 8.74 -14.63 -21.67
N SER A 286 9.17 -15.25 -20.57
CA SER A 286 10.40 -14.80 -19.93
C SER A 286 11.60 -14.97 -20.85
N GLU A 287 11.66 -16.08 -21.60
CA GLU A 287 12.73 -16.22 -22.59
C GLU A 287 12.64 -15.13 -23.64
N GLN A 288 11.44 -14.85 -24.13
CA GLN A 288 11.30 -13.80 -25.13
C GLN A 288 11.72 -12.43 -24.57
N ILE A 289 11.46 -12.18 -23.28
CA ILE A 289 11.90 -10.92 -22.67
C ILE A 289 13.39 -10.74 -22.87
N ILE A 290 14.17 -11.77 -22.54
CA ILE A 290 15.63 -11.67 -22.60
C ILE A 290 16.11 -11.61 -24.06
N ALA A 291 15.51 -12.42 -24.95
CA ALA A 291 15.94 -12.39 -26.35
C ALA A 291 15.65 -11.02 -26.98
N ASN A 292 14.51 -10.41 -26.62
CA ASN A 292 14.24 -9.05 -27.10
C ASN A 292 15.28 -8.05 -26.58
N ALA A 293 15.58 -8.12 -25.28
CA ALA A 293 16.55 -7.19 -24.71
C ALA A 293 17.91 -7.34 -25.40
N LYS A 294 18.33 -8.59 -25.63
CA LYS A 294 19.64 -8.82 -26.25
C LYS A 294 19.64 -8.30 -27.68
N ALA A 295 18.53 -8.48 -28.40
CA ALA A 295 18.41 -7.96 -29.75
C ALA A 295 18.49 -6.43 -29.78
N MET A 296 17.99 -5.76 -28.73
CA MET A 296 18.08 -4.30 -28.69
C MET A 296 19.50 -3.86 -28.39
N VAL A 297 20.16 -4.55 -27.46
CA VAL A 297 21.52 -4.18 -27.08
C VAL A 297 22.44 -4.26 -28.30
N LYS A 298 22.23 -5.25 -29.16
CA LYS A 298 23.00 -5.37 -30.39
C LYS A 298 22.83 -4.14 -31.26
N VAL A 299 21.58 -3.70 -31.46
CA VAL A 299 21.34 -2.49 -32.23
C VAL A 299 22.03 -1.29 -31.57
N PHE A 300 21.86 -1.13 -30.26
CA PHE A 300 22.47 0.04 -29.62
C PHE A 300 24.00 0.01 -29.65
N ASN A 301 24.61 -1.18 -29.55
CA ASN A 301 26.08 -1.27 -29.61
C ASN A 301 26.63 -0.79 -30.96
N GLN A 302 25.92 -1.08 -32.06
CA GLN A 302 26.39 -0.62 -33.39
C GLN A 302 26.28 0.89 -33.56
N ALA A 303 25.26 1.52 -32.97
CA ALA A 303 25.05 2.96 -33.17
C ALA A 303 26.04 3.75 -32.33
N ILE A 304 26.61 4.78 -32.93
CA ILE A 304 27.52 5.63 -32.17
C ILE A 304 26.68 6.62 -31.39
N GLY A 305 26.96 6.75 -30.10
CA GLY A 305 26.26 7.67 -29.25
C GLY A 305 25.30 7.02 -28.26
N THR A 306 24.85 5.80 -28.51
CA THR A 306 24.01 5.08 -27.57
C THR A 306 24.88 4.00 -26.97
N ARG A 307 25.59 4.35 -25.91
CA ARG A 307 26.54 3.44 -25.31
C ARG A 307 25.83 2.59 -24.25
N VAL A 308 25.80 1.28 -24.47
CA VAL A 308 25.20 0.34 -23.53
C VAL A 308 26.15 0.12 -22.36
N ILE A 309 25.69 0.47 -21.15
CA ILE A 309 26.49 0.27 -19.95
C ILE A 309 26.91 -1.20 -19.85
N SER A 310 28.22 -1.45 -19.77
CA SER A 310 28.79 -2.79 -19.70
C SER A 310 28.73 -3.56 -21.03
N GLY A 311 28.08 -2.99 -22.04
CA GLY A 311 28.13 -3.55 -23.38
C GLY A 311 27.28 -4.78 -23.65
N ALA A 312 26.52 -5.28 -22.67
CA ALA A 312 25.71 -6.47 -22.88
C ALA A 312 24.57 -6.46 -21.87
N THR A 313 23.60 -7.33 -22.08
CA THR A 313 22.61 -7.58 -21.05
C THR A 313 22.43 -9.10 -20.88
N ASP A 314 22.16 -9.51 -19.64
CA ASP A 314 21.76 -10.87 -19.33
C ASP A 314 20.29 -10.97 -18.95
N ASN A 315 19.60 -9.85 -18.79
CA ASN A 315 18.22 -9.90 -18.33
C ASN A 315 17.29 -9.06 -19.21
N HIS A 316 16.35 -8.34 -18.59
CA HIS A 316 15.30 -7.64 -19.30
C HIS A 316 15.63 -6.18 -19.63
N LEU A 317 16.76 -5.64 -19.16
CA LEU A 317 16.97 -4.20 -19.23
C LEU A 317 18.36 -3.85 -19.70
N MET A 318 18.51 -2.59 -20.06
CA MET A 318 19.79 -2.02 -20.45
C MET A 318 19.81 -0.55 -20.04
N LEU A 319 21.00 -0.06 -19.75
CA LEU A 319 21.24 1.36 -19.45
C LEU A 319 22.04 1.95 -20.61
N ILE A 320 21.59 3.11 -21.12
CA ILE A 320 22.21 3.78 -22.25
C ILE A 320 22.80 5.11 -21.79
N ASP A 321 24.12 5.23 -21.87
CA ASP A 321 24.82 6.50 -21.67
C ASP A 321 24.71 7.30 -22.95
N VAL A 322 24.02 8.44 -22.93
CA VAL A 322 23.70 9.21 -24.13
C VAL A 322 24.60 10.44 -24.31
N ARG A 323 25.59 10.64 -23.45
CA ARG A 323 26.33 11.90 -23.48
C ARG A 323 27.08 12.12 -24.80
N GLU A 324 27.50 11.06 -25.50
CA GLU A 324 28.19 11.28 -26.76
C GLU A 324 27.32 12.03 -27.77
N LEU A 325 25.99 11.95 -27.62
CA LEU A 325 25.08 12.66 -28.53
C LEU A 325 24.92 14.12 -28.19
N GLY A 326 25.60 14.62 -27.16
CA GLY A 326 25.48 15.99 -26.74
C GLY A 326 24.28 16.31 -25.86
N ILE A 327 23.60 15.31 -25.31
CA ILE A 327 22.43 15.50 -24.47
C ILE A 327 22.65 14.79 -23.14
N ASN A 328 21.79 15.06 -22.17
CA ASN A 328 21.78 14.27 -20.94
C ASN A 328 20.53 13.37 -20.92
N GLY A 329 20.40 12.59 -19.84
CA GLY A 329 19.31 11.63 -19.78
C GLY A 329 17.93 12.28 -19.73
N LYS A 330 17.83 13.48 -19.15
CA LYS A 330 16.55 14.18 -19.10
C LYS A 330 16.09 14.62 -20.48
N GLU A 331 17.00 15.20 -21.27
CA GLU A 331 16.69 15.59 -22.64
C GLU A 331 16.32 14.38 -23.50
N ALA A 332 17.01 13.26 -23.33
CA ALA A 332 16.70 12.07 -24.10
C ALA A 332 15.31 11.53 -23.76
N GLU A 333 14.98 11.45 -22.47
CA GLU A 333 13.64 11.08 -22.05
C GLU A 333 12.58 11.94 -22.73
N SER A 334 12.83 13.26 -22.78
CA SER A 334 11.84 14.20 -23.28
C SER A 334 11.75 14.12 -24.81
N ILE A 335 12.88 13.94 -25.48
CA ILE A 335 12.85 13.67 -26.92
C ILE A 335 12.03 12.42 -27.22
N LEU A 336 12.29 11.32 -26.50
CA LEU A 336 11.59 10.08 -26.83
C LEU A 336 10.11 10.19 -26.49
N ASP A 337 9.77 10.88 -25.42
CA ASP A 337 8.35 10.96 -25.08
C ASP A 337 7.58 11.75 -26.15
N SER A 338 8.23 12.72 -26.78
CA SER A 338 7.59 13.50 -27.84
C SER A 338 7.38 12.69 -29.13
N VAL A 339 7.97 11.50 -29.26
CA VAL A 339 7.66 10.60 -30.37
C VAL A 339 6.97 9.34 -29.86
N ASN A 340 6.35 9.43 -28.69
CA ASN A 340 5.52 8.37 -28.12
C ASN A 340 6.32 7.15 -27.69
N ILE A 341 7.56 7.35 -27.22
CA ILE A 341 8.37 6.26 -26.65
C ILE A 341 8.71 6.66 -25.23
N THR A 342 8.31 5.81 -24.28
CA THR A 342 8.36 6.14 -22.85
C THR A 342 9.49 5.36 -22.19
N VAL A 343 10.46 6.11 -21.64
CA VAL A 343 11.56 5.53 -20.88
C VAL A 343 11.63 6.28 -19.56
N ASN A 344 12.67 6.03 -18.75
CA ASN A 344 13.00 6.94 -17.67
C ASN A 344 14.49 7.30 -17.72
N LYS A 345 14.78 8.58 -17.49
CA LYS A 345 16.17 8.97 -17.25
C LYS A 345 16.67 8.22 -16.04
N ASN A 346 17.99 7.99 -16.00
CA ASN A 346 18.57 7.03 -15.05
C ASN A 346 20.04 7.42 -14.89
N SER A 347 20.51 7.49 -13.65
CA SER A 347 21.94 7.65 -13.43
C SER A 347 22.68 6.44 -13.98
N ILE A 348 23.94 6.67 -14.37
CA ILE A 348 24.81 5.59 -14.84
C ILE A 348 25.97 5.47 -13.85
N PRO A 349 26.69 4.36 -13.88
CA PRO A 349 27.85 4.19 -12.99
C PRO A 349 28.77 5.40 -12.99
N PHE A 350 29.12 5.89 -11.80
CA PHE A 350 30.00 7.04 -11.65
C PHE A 350 29.37 8.32 -12.22
N GLU A 351 28.05 8.41 -12.09
CA GLU A 351 27.30 9.56 -12.56
C GLU A 351 27.95 10.87 -12.12
N THR A 352 28.14 11.78 -13.09
CA THR A 352 28.71 13.09 -12.81
C THR A 352 27.68 14.21 -12.86
N LEU A 353 26.50 13.97 -13.42
CA LEU A 353 25.45 14.97 -13.47
C LEU A 353 24.57 14.85 -12.24
N SER A 354 23.73 15.84 -12.03
CA SER A 354 22.72 15.78 -10.98
C SER A 354 21.89 14.52 -11.13
N PRO A 355 21.45 13.91 -10.02
CA PRO A 355 20.59 12.71 -10.15
C PRO A 355 19.26 13.01 -10.81
N PHE A 356 18.91 14.28 -11.03
CA PHE A 356 17.70 14.68 -11.74
C PHE A 356 17.97 15.14 -13.17
N LYS A 357 19.24 15.24 -13.60
CA LYS A 357 19.56 15.32 -15.02
C LYS A 357 20.03 13.98 -15.58
N THR A 358 21.04 13.37 -14.95
CA THR A 358 21.55 12.04 -15.29
C THR A 358 22.17 12.02 -16.66
N SER A 359 23.00 11.01 -16.92
CA SER A 359 23.71 10.81 -18.18
C SER A 359 23.04 9.76 -19.05
N GLY A 360 22.00 9.09 -18.58
CA GLY A 360 21.52 7.92 -19.28
C GLY A 360 20.02 7.81 -19.27
N ILE A 361 19.55 6.81 -20.00
CA ILE A 361 18.17 6.35 -19.95
C ILE A 361 18.19 4.84 -19.74
N ARG A 362 17.14 4.34 -19.11
CA ARG A 362 16.97 2.92 -18.89
C ARG A 362 15.82 2.41 -19.75
N ILE A 363 16.04 1.25 -20.38
CA ILE A 363 15.10 0.62 -21.29
C ILE A 363 14.94 -0.84 -20.86
N GLY A 364 13.70 -1.32 -20.86
CA GLY A 364 13.43 -2.73 -20.60
C GLY A 364 12.35 -3.25 -21.52
N THR A 365 12.34 -4.58 -21.72
CA THR A 365 11.45 -5.23 -22.67
C THR A 365 10.21 -5.93 -22.09
N PRO A 366 10.01 -6.04 -20.77
CA PRO A 366 8.87 -6.85 -20.30
C PRO A 366 7.53 -6.43 -20.87
N ALA A 367 7.29 -5.11 -20.97
CA ALA A 367 5.98 -4.64 -21.40
C ALA A 367 5.76 -4.90 -22.89
N ILE A 368 6.70 -4.51 -23.74
CA ILE A 368 6.50 -4.76 -25.19
C ILE A 368 6.45 -6.25 -25.45
N THR A 369 7.24 -7.04 -24.71
CA THR A 369 7.17 -8.47 -24.89
C THR A 369 5.78 -9.01 -24.56
N THR A 370 5.13 -8.45 -23.52
CA THR A 370 3.79 -8.89 -23.16
C THR A 370 2.80 -8.56 -24.26
N ARG A 371 2.99 -7.43 -24.95
CA ARG A 371 2.19 -7.06 -26.10
C ARG A 371 2.39 -7.98 -27.30
N GLY A 372 3.44 -8.81 -27.30
CA GLY A 372 3.69 -9.74 -28.39
C GLY A 372 4.88 -9.43 -29.28
N PHE A 373 5.66 -8.38 -28.99
CA PHE A 373 6.84 -8.11 -29.80
C PHE A 373 7.76 -9.33 -29.81
N LYS A 374 8.33 -9.63 -30.99
CA LYS A 374 9.38 -10.62 -31.13
C LYS A 374 10.70 -9.91 -31.41
N GLU A 375 11.76 -10.70 -31.68
CA GLU A 375 13.09 -10.10 -31.80
C GLU A 375 13.15 -9.08 -32.95
N GLU A 376 12.51 -9.37 -34.07
CA GLU A 376 12.54 -8.42 -35.17
C GLU A 376 11.80 -7.12 -34.81
N ASP A 377 10.77 -7.22 -33.97
CA ASP A 377 10.08 -6.01 -33.51
C ASP A 377 10.92 -5.26 -32.48
N ALA A 378 11.58 -5.99 -31.58
CA ALA A 378 12.50 -5.34 -30.66
C ALA A 378 13.60 -4.63 -31.42
N VAL A 379 14.08 -5.23 -32.52
CA VAL A 379 15.11 -4.57 -33.32
C VAL A 379 14.60 -3.24 -33.87
N LYS A 380 13.35 -3.24 -34.37
CA LYS A 380 12.79 -1.99 -34.90
C LYS A 380 12.67 -0.92 -33.82
N VAL A 381 12.20 -1.30 -32.62
CA VAL A 381 12.17 -0.36 -31.48
C VAL A 381 13.54 0.29 -31.27
N ALA A 382 14.58 -0.53 -31.13
CA ALA A 382 15.91 0.01 -30.87
C ALA A 382 16.34 0.95 -31.99
N GLU A 383 16.00 0.60 -33.25
CA GLU A 383 16.34 1.49 -34.36
C GLU A 383 15.60 2.82 -34.28
N LEU A 384 14.31 2.79 -33.91
CA LEU A 384 13.57 4.05 -33.75
C LEU A 384 14.17 4.90 -32.64
N VAL A 385 14.56 4.27 -31.54
CA VAL A 385 15.18 5.01 -30.44
C VAL A 385 16.46 5.67 -30.92
N VAL A 386 17.33 4.91 -31.60
CA VAL A 386 18.57 5.50 -32.11
C VAL A 386 18.26 6.69 -33.00
N LYS A 387 17.30 6.51 -33.91
CA LYS A 387 16.99 7.55 -34.87
C LYS A 387 16.47 8.79 -34.19
N ALA A 388 15.58 8.63 -33.21
CA ALA A 388 15.03 9.77 -32.50
C ALA A 388 16.12 10.56 -31.81
N LEU A 389 17.06 9.86 -31.15
CA LEU A 389 18.10 10.53 -30.37
C LEU A 389 19.18 11.17 -31.25
N GLN A 390 19.44 10.62 -32.43
CA GLN A 390 20.35 11.22 -33.39
C GLN A 390 19.71 12.33 -34.21
N ALA A 391 18.38 12.48 -34.16
CA ALA A 391 17.71 13.35 -35.12
C ALA A 391 18.07 14.82 -34.93
N LYS A 392 18.44 15.22 -33.72
CA LYS A 392 18.74 16.62 -33.44
C LYS A 392 17.79 17.61 -34.12
N ASP A 393 16.53 17.65 -33.69
CA ASP A 393 15.57 18.67 -34.10
C ASP A 393 14.79 18.30 -35.36
N ASP A 394 15.46 17.63 -36.31
CA ASP A 394 14.90 17.30 -37.61
C ASP A 394 13.51 16.67 -37.49
N ASN A 395 12.45 17.45 -37.78
CA ASN A 395 11.10 16.94 -37.56
C ASN A 395 10.74 15.84 -38.55
N ALA A 396 11.33 15.86 -39.75
CA ALA A 396 11.09 14.77 -40.68
C ALA A 396 11.50 13.45 -40.04
N GLN A 397 12.67 13.43 -39.38
CA GLN A 397 13.13 12.22 -38.70
C GLN A 397 12.19 11.84 -37.56
N LEU A 398 11.89 12.80 -36.68
CA LEU A 398 11.02 12.52 -35.53
C LEU A 398 9.66 11.99 -35.98
N ASP A 399 9.07 12.59 -37.01
CA ASP A 399 7.79 12.07 -37.49
C ASP A 399 7.93 10.70 -38.09
N GLU A 400 9.08 10.43 -38.73
CA GLU A 400 9.37 9.07 -39.14
C GLU A 400 9.30 8.13 -37.94
N VAL A 401 9.94 8.49 -36.82
CA VAL A 401 9.89 7.61 -35.65
C VAL A 401 8.46 7.43 -35.18
N LYS A 402 7.70 8.53 -35.16
CA LYS A 402 6.31 8.47 -34.71
C LYS A 402 5.50 7.50 -35.56
N THR A 403 5.73 7.48 -36.87
CA THR A 403 5.05 6.52 -37.75
C THR A 403 5.48 5.10 -37.47
N GLY A 404 6.78 4.87 -37.28
CA GLY A 404 7.22 3.55 -36.86
C GLY A 404 6.55 3.09 -35.58
N VAL A 405 6.44 3.99 -34.59
CA VAL A 405 5.79 3.61 -33.33
C VAL A 405 4.35 3.18 -33.58
N ARG A 406 3.63 3.96 -34.38
CA ARG A 406 2.24 3.63 -34.67
C ARG A 406 2.12 2.33 -35.47
N GLU A 407 3.07 2.09 -36.38
CA GLU A 407 3.16 0.80 -37.05
C GLU A 407 3.29 -0.34 -36.04
N LEU A 408 4.20 -0.21 -35.08
CA LEU A 408 4.41 -1.29 -34.13
C LEU A 408 3.20 -1.47 -33.20
N THR A 409 2.63 -0.37 -32.69
CA THR A 409 1.52 -0.52 -31.76
C THR A 409 0.28 -1.04 -32.46
N GLU A 410 0.08 -0.65 -33.72
CA GLU A 410 -1.04 -1.19 -34.47
C GLU A 410 -0.83 -2.67 -34.80
N LYS A 411 0.42 -3.09 -35.02
CA LYS A 411 0.69 -4.52 -35.22
C LYS A 411 0.46 -5.32 -33.95
N PHE A 412 0.62 -4.71 -32.76
CA PHE A 412 0.55 -5.43 -31.49
C PHE A 412 -0.41 -4.72 -30.54
N PRO A 413 -1.71 -4.77 -30.81
CA PRO A 413 -2.67 -4.12 -29.90
C PRO A 413 -2.74 -4.80 -28.54
N LEU A 414 -3.26 -4.05 -27.56
CA LEU A 414 -3.45 -4.55 -26.20
C LEU A 414 -4.75 -5.34 -26.07
N HIS A 415 -4.81 -6.20 -25.05
CA HIS A 415 -5.98 -7.03 -24.74
C HIS A 415 -6.15 -8.18 -25.74
N ASP B 6 -14.73 -16.37 -17.87
CA ASP B 6 -13.85 -16.91 -18.91
C ASP B 6 -12.40 -17.07 -18.44
N TYR B 7 -11.74 -15.94 -18.11
CA TYR B 7 -10.48 -16.01 -17.37
C TYR B 7 -10.67 -16.73 -16.04
N LYS B 8 -11.91 -16.78 -15.53
CA LYS B 8 -12.20 -17.53 -14.33
C LYS B 8 -12.02 -19.03 -14.54
N THR B 9 -12.07 -19.49 -15.79
CA THR B 9 -11.80 -20.89 -16.08
C THR B 9 -10.35 -21.26 -15.76
N PHE B 10 -9.43 -20.31 -15.95
CA PHE B 10 -8.02 -20.61 -15.72
C PHE B 10 -7.70 -20.79 -14.24
N ASP B 11 -8.41 -20.08 -13.35
CA ASP B 11 -8.14 -20.09 -11.91
C ASP B 11 -9.47 -20.21 -11.17
N PRO B 12 -10.07 -21.40 -11.20
CA PRO B 12 -11.41 -21.52 -10.59
C PRO B 12 -11.39 -21.49 -9.07
N ASP B 13 -10.31 -21.94 -8.44
CA ASP B 13 -10.23 -21.87 -6.98
C ASP B 13 -10.29 -20.43 -6.49
N LEU B 14 -9.49 -19.54 -7.09
CA LEU B 14 -9.47 -18.15 -6.67
C LEU B 14 -10.83 -17.50 -6.87
N TRP B 15 -11.40 -17.63 -8.06
CA TRP B 15 -12.66 -16.97 -8.33
C TRP B 15 -13.79 -17.56 -7.49
N ALA B 16 -13.67 -18.82 -7.08
CA ALA B 16 -14.67 -19.42 -6.21
C ALA B 16 -14.65 -18.77 -4.84
N ALA B 17 -13.45 -18.59 -4.26
CA ALA B 17 -13.33 -17.88 -2.99
C ALA B 17 -13.91 -16.49 -3.06
N ILE B 18 -13.66 -15.77 -4.16
CA ILE B 18 -14.19 -14.41 -4.27
C ILE B 18 -15.72 -14.41 -4.34
N ALA B 19 -16.30 -15.38 -5.06
CA ALA B 19 -17.76 -15.49 -5.11
C ALA B 19 -18.35 -15.76 -3.73
N LYS B 20 -17.71 -16.65 -2.95
CA LYS B 20 -18.18 -16.93 -1.60
C LYS B 20 -18.08 -15.68 -0.71
N GLU B 21 -17.03 -14.88 -0.90
CA GLU B 21 -16.93 -13.63 -0.16
C GLU B 21 -18.02 -12.65 -0.56
N GLU B 22 -18.34 -12.57 -1.86
CA GLU B 22 -19.47 -11.77 -2.28
C GLU B 22 -20.73 -12.18 -1.55
N GLU B 23 -20.96 -13.50 -1.47
CA GLU B 23 -22.14 -14.00 -0.79
C GLU B 23 -22.07 -13.75 0.72
N ARG B 24 -20.89 -13.87 1.33
CA ARG B 24 -20.77 -13.59 2.75
C ARG B 24 -21.14 -12.14 3.06
N GLN B 25 -20.68 -11.20 2.22
CA GLN B 25 -21.00 -9.79 2.45
C GLN B 25 -22.49 -9.52 2.26
N GLU B 26 -23.15 -10.28 1.41
CA GLU B 26 -24.60 -10.11 1.22
C GLU B 26 -25.39 -10.64 2.41
N HIS B 27 -25.01 -11.82 2.94
CA HIS B 27 -25.82 -12.56 3.89
C HIS B 27 -25.52 -12.24 5.35
N ASN B 28 -24.46 -11.48 5.64
CA ASN B 28 -24.11 -11.14 7.00
C ASN B 28 -24.38 -9.66 7.25
N LEU B 29 -24.56 -9.31 8.52
CA LEU B 29 -24.64 -7.91 8.92
C LEU B 29 -23.24 -7.49 9.34
N GLU B 30 -22.62 -6.63 8.56
CA GLU B 30 -21.24 -6.21 8.85
C GLU B 30 -21.36 -5.03 9.83
N LEU B 31 -21.06 -5.27 11.09
CA LEU B 31 -21.08 -4.19 12.08
C LEU B 31 -19.68 -3.73 12.47
N ILE B 32 -18.66 -4.14 11.72
CA ILE B 32 -17.31 -3.69 12.00
C ILE B 32 -17.22 -2.19 11.71
N ALA B 33 -16.92 -1.41 12.75
CA ALA B 33 -17.03 0.05 12.68
C ALA B 33 -16.13 0.66 11.61
N SER B 34 -15.07 -0.03 11.21
CA SER B 34 -14.06 0.44 10.27
C SER B 34 -14.31 0.00 8.83
N GLU B 35 -15.43 -0.64 8.55
CA GLU B 35 -15.66 -1.16 7.21
C GLU B 35 -16.79 -0.37 6.55
N ASN B 36 -16.95 -0.61 5.25
CA ASN B 36 -17.96 0.08 4.46
C ASN B 36 -18.11 -0.70 3.15
N PHE B 37 -18.97 -0.19 2.26
CA PHE B 37 -19.18 -0.77 0.93
C PHE B 37 -18.93 0.34 -0.08
N VAL B 38 -17.83 0.23 -0.83
CA VAL B 38 -17.49 1.26 -1.80
C VAL B 38 -18.39 1.12 -3.02
N SER B 39 -18.50 2.20 -3.78
CA SER B 39 -19.34 2.24 -4.96
C SER B 39 -18.75 1.43 -6.10
N GLU B 40 -19.61 1.16 -7.07
CA GLU B 40 -19.18 0.54 -8.32
C GLU B 40 -18.06 1.34 -8.97
N ALA B 41 -18.17 2.68 -8.96
CA ALA B 41 -17.16 3.53 -9.59
C ALA B 41 -15.80 3.41 -8.90
N VAL B 42 -15.80 3.30 -7.56
CA VAL B 42 -14.54 3.16 -6.85
C VAL B 42 -13.87 1.86 -7.22
N MET B 43 -14.66 0.78 -7.31
CA MET B 43 -14.09 -0.52 -7.61
C MET B 43 -13.58 -0.58 -9.04
N ALA B 44 -14.28 0.08 -9.97
CA ALA B 44 -13.85 0.17 -11.36
C ALA B 44 -12.55 0.96 -11.51
N ALA B 45 -12.36 2.00 -10.70
CA ALA B 45 -11.10 2.75 -10.71
C ALA B 45 -9.97 1.86 -10.25
N GLN B 46 -10.18 1.11 -9.17
CA GLN B 46 -9.16 0.20 -8.69
C GLN B 46 -8.93 -0.95 -9.66
N GLY B 47 -9.92 -1.27 -10.48
CA GLY B 47 -9.75 -2.32 -11.49
C GLY B 47 -9.29 -1.81 -12.85
N SER B 48 -8.76 -0.58 -12.90
CA SER B 48 -8.37 0.04 -14.16
C SER B 48 -6.91 -0.24 -14.52
N ILE B 49 -6.52 0.21 -15.72
CA ILE B 49 -5.14 0.00 -16.18
C ILE B 49 -4.16 0.96 -15.54
N LEU B 50 -4.61 1.81 -14.60
CA LEU B 50 -3.67 2.68 -13.89
C LEU B 50 -2.70 1.87 -13.05
N THR B 51 -3.02 0.61 -12.75
CA THR B 51 -2.10 -0.25 -12.03
C THR B 51 -0.79 -0.43 -12.79
N ASN B 52 -0.82 -0.25 -14.12
CA ASN B 52 0.39 -0.47 -14.92
C ASN B 52 1.39 0.69 -14.86
N LYS B 53 1.04 1.84 -14.33
CA LYS B 53 1.90 3.02 -14.42
C LYS B 53 2.77 3.18 -13.18
N TYR B 54 4.09 3.28 -13.40
CA TYR B 54 5.04 3.77 -12.40
C TYR B 54 5.07 5.30 -12.40
N ALA B 55 4.85 5.93 -11.25
CA ALA B 55 4.69 7.38 -11.22
C ALA B 55 5.31 7.98 -9.96
N GLU B 56 6.51 7.53 -9.63
CA GLU B 56 7.21 8.07 -8.45
C GLU B 56 7.47 9.57 -8.60
N GLY B 57 7.46 10.26 -7.47
CA GLY B 57 7.48 11.71 -7.49
C GLY B 57 6.06 12.23 -7.31
N TYR B 58 5.84 13.49 -7.66
CA TYR B 58 4.57 14.18 -7.50
C TYR B 58 4.15 14.81 -8.82
N PRO B 59 2.87 15.17 -8.98
CA PRO B 59 2.40 15.65 -10.28
C PRO B 59 3.24 16.82 -10.77
N GLY B 60 3.60 16.78 -12.05
CA GLY B 60 4.49 17.75 -12.65
C GLY B 60 5.96 17.50 -12.44
N HIS B 61 6.35 16.66 -11.47
CA HIS B 61 7.77 16.35 -11.24
C HIS B 61 7.94 14.89 -10.90
N ARG B 62 7.65 14.04 -11.87
CA ARG B 62 7.81 12.61 -11.78
C ARG B 62 9.22 12.22 -12.21
N TYR B 63 9.62 11.00 -11.86
CA TYR B 63 10.90 10.46 -12.26
C TYR B 63 10.77 9.48 -13.44
N TYR B 64 9.62 9.48 -14.10
CA TYR B 64 9.39 8.63 -15.26
C TYR B 64 8.73 9.46 -16.34
N GLY B 65 8.80 8.95 -17.56
CA GLY B 65 8.02 9.53 -18.62
C GLY B 65 6.59 9.03 -18.56
N GLY B 66 5.74 9.72 -19.30
CA GLY B 66 4.42 9.20 -19.58
C GLY B 66 3.35 9.47 -18.53
N CYS B 67 3.58 10.38 -17.58
CA CYS B 67 2.63 10.55 -16.48
C CYS B 67 1.66 11.70 -16.68
N GLU B 68 1.56 12.26 -17.88
CA GLU B 68 0.83 13.50 -18.03
C GLU B 68 -0.67 13.32 -17.75
N PHE B 69 -1.23 12.13 -17.97
CA PHE B 69 -2.65 11.91 -17.69
C PHE B 69 -2.89 11.30 -16.32
N VAL B 70 -1.97 10.46 -15.84
CA VAL B 70 -1.98 10.03 -14.44
C VAL B 70 -1.93 11.25 -13.51
N ASP B 71 -1.22 12.31 -13.92
CA ASP B 71 -1.13 13.48 -13.07
C ASP B 71 -2.50 14.15 -12.89
N ILE B 72 -3.39 14.03 -13.88
CA ILE B 72 -4.75 14.59 -13.71
C ILE B 72 -5.45 13.86 -12.59
N VAL B 73 -5.35 12.54 -12.58
CA VAL B 73 -5.99 11.73 -11.55
C VAL B 73 -5.50 12.13 -10.17
N GLU B 74 -4.18 12.23 -10.01
CA GLU B 74 -3.64 12.53 -8.68
C GLU B 74 -3.97 13.96 -8.26
N ASN B 75 -3.97 14.91 -9.21
CA ASN B 75 -4.39 16.29 -8.91
C ASN B 75 -5.86 16.36 -8.50
N LEU B 76 -6.72 15.57 -9.15
CA LEU B 76 -8.12 15.49 -8.76
C LEU B 76 -8.27 15.00 -7.32
N ALA B 77 -7.53 13.98 -6.94
CA ALA B 77 -7.58 13.49 -5.56
C ALA B 77 -7.05 14.52 -4.57
N ILE B 78 -5.91 15.15 -4.87
CA ILE B 78 -5.36 16.20 -4.01
C ILE B 78 -6.36 17.35 -3.87
N ASP B 79 -6.86 17.85 -4.99
CA ASP B 79 -7.69 19.05 -4.94
C ASP B 79 -9.06 18.80 -4.34
N ARG B 80 -9.65 17.62 -4.59
CA ARG B 80 -10.89 17.30 -3.90
C ARG B 80 -10.69 17.14 -2.39
N ALA B 81 -9.53 16.62 -1.96
CA ALA B 81 -9.27 16.57 -0.52
C ALA B 81 -9.18 17.97 0.09
N LYS B 82 -8.52 18.90 -0.60
CA LYS B 82 -8.45 20.27 -0.09
C LYS B 82 -9.84 20.89 -0.02
N GLU B 83 -10.70 20.57 -0.98
CA GLU B 83 -12.07 21.09 -0.99
C GLU B 83 -12.92 20.46 0.12
N LEU B 84 -12.72 19.19 0.38
CA LEU B 84 -13.54 18.50 1.36
C LEU B 84 -13.19 18.94 2.77
N PHE B 85 -11.90 19.10 3.05
CA PHE B 85 -11.44 19.30 4.41
C PHE B 85 -10.92 20.70 4.67
N GLY B 86 -10.76 21.52 3.64
CA GLY B 86 -10.24 22.87 3.79
C GLY B 86 -8.75 22.96 4.01
N ALA B 87 -7.99 21.90 3.77
CA ALA B 87 -6.55 21.96 3.95
C ALA B 87 -5.91 22.68 2.78
N LYS B 88 -4.87 23.47 3.07
CA LYS B 88 -4.12 24.10 1.98
C LYS B 88 -3.25 23.11 1.21
N PHE B 89 -2.85 21.98 1.82
CA PHE B 89 -1.96 20.99 1.23
C PHE B 89 -2.45 19.58 1.53
N ALA B 90 -2.31 18.68 0.54
CA ALA B 90 -2.72 17.31 0.74
C ALA B 90 -1.74 16.39 0.02
N ASN B 91 -1.53 15.21 0.61
CA ASN B 91 -0.72 14.16 0.00
C ASN B 91 -1.58 12.89 -0.01
N VAL B 92 -1.85 12.35 -1.21
CA VAL B 92 -2.77 11.24 -1.37
C VAL B 92 -2.06 9.92 -1.71
N GLN B 93 -0.72 9.88 -1.62
CA GLN B 93 0.05 8.67 -1.92
C GLN B 93 0.17 7.63 -0.79
N PRO B 94 -0.05 7.94 0.49
CA PRO B 94 0.17 6.89 1.50
C PRO B 94 -0.67 5.65 1.19
N HIS B 95 0.00 4.48 1.19
CA HIS B 95 -0.67 3.21 0.90
C HIS B 95 -1.71 2.83 1.95
N SER B 96 -1.68 3.42 3.14
CA SER B 96 -2.54 2.98 4.23
C SER B 96 -2.51 4.03 5.32
N GLY B 97 -3.42 3.89 6.30
CA GLY B 97 -3.35 4.75 7.47
C GLY B 97 -2.03 4.63 8.20
N SER B 98 -1.47 3.42 8.25
CA SER B 98 -0.20 3.19 8.93
C SER B 98 0.95 3.93 8.25
N GLN B 99 1.01 3.89 6.91
CA GLN B 99 2.03 4.66 6.20
C GLN B 99 1.79 6.16 6.35
N ALA B 100 0.52 6.56 6.37
CA ALA B 100 0.25 7.98 6.56
C ALA B 100 0.75 8.45 7.91
N ASN B 101 0.52 7.66 8.97
CA ASN B 101 0.98 8.06 10.29
C ASN B 101 2.51 7.98 10.40
N THR B 102 3.13 6.95 9.78
CA THR B 102 4.59 6.87 9.74
C THR B 102 5.23 8.16 9.20
N ALA B 103 4.75 8.63 8.05
CA ALA B 103 5.30 9.83 7.43
C ALA B 103 4.99 11.08 8.26
N ALA B 104 3.80 11.14 8.85
CA ALA B 104 3.46 12.29 9.69
C ALA B 104 4.44 12.41 10.87
N TYR B 105 4.75 11.29 11.54
CA TYR B 105 5.75 11.32 12.61
C TYR B 105 7.10 11.78 12.09
N LEU B 106 7.52 11.22 10.94
CA LEU B 106 8.79 11.62 10.33
C LEU B 106 8.84 13.10 10.07
N ALA B 107 7.72 13.72 9.73
CA ALA B 107 7.73 15.14 9.46
C ALA B 107 7.70 15.97 10.73
N LEU B 108 7.40 15.39 11.90
CA LEU B 108 7.16 16.20 13.09
C LEU B 108 8.20 15.99 14.18
N VAL B 109 8.70 14.78 14.35
CA VAL B 109 9.55 14.46 15.48
C VAL B 109 10.75 13.64 15.01
N GLU B 110 11.67 13.44 15.93
CA GLU B 110 12.86 12.66 15.76
C GLU B 110 12.73 11.36 16.52
N PRO B 111 13.41 10.31 16.08
CA PRO B 111 13.39 9.05 16.82
C PRO B 111 13.75 9.28 18.28
N GLY B 112 13.04 8.61 19.17
CA GLY B 112 13.29 8.75 20.59
C GLY B 112 12.57 9.89 21.27
N ASP B 113 11.94 10.77 20.50
CA ASP B 113 11.21 11.89 21.09
C ASP B 113 10.00 11.39 21.88
N THR B 114 9.58 12.22 22.85
CA THR B 114 8.43 11.92 23.70
C THR B 114 7.15 12.34 23.00
N ILE B 115 6.20 11.41 22.89
CA ILE B 115 4.94 11.62 22.20
C ILE B 115 3.82 11.16 23.10
N LEU B 116 2.78 11.98 23.19
CA LEU B 116 1.59 11.67 23.97
C LEU B 116 0.49 11.19 23.03
N GLY B 117 0.05 9.93 23.20
CA GLY B 117 -0.99 9.38 22.36
C GLY B 117 -1.98 8.55 23.16
N MET B 118 -3.15 8.32 22.56
CA MET B 118 -4.23 7.69 23.29
C MET B 118 -3.98 6.20 23.49
N ASP B 119 -4.05 5.76 24.75
CA ASP B 119 -3.86 4.37 25.14
C ASP B 119 -4.74 3.44 24.31
N LEU B 120 -4.22 2.26 23.98
CA LEU B 120 -4.95 1.31 23.15
C LEU B 120 -6.26 0.85 23.80
N SER B 121 -6.20 0.40 25.06
CA SER B 121 -7.40 0.00 25.78
C SER B 121 -8.44 1.12 25.86
N ALA B 122 -7.99 2.36 26.01
CA ALA B 122 -8.88 3.51 26.07
C ALA B 122 -9.49 3.84 24.71
N GLY B 123 -8.91 3.34 23.62
CA GLY B 123 -9.50 3.49 22.30
C GLY B 123 -8.54 3.97 21.23
N GLY B 124 -7.28 4.20 21.58
CA GLY B 124 -6.31 4.64 20.61
C GLY B 124 -6.00 3.53 19.62
N HIS B 125 -5.34 3.90 18.53
CA HIS B 125 -4.94 2.92 17.52
C HIS B 125 -3.56 2.36 17.85
N LEU B 126 -3.24 1.19 17.26
CA LEU B 126 -1.92 0.60 17.47
C LEU B 126 -0.82 1.55 17.06
N THR B 127 -1.07 2.40 16.05
CA THR B 127 -0.03 3.32 15.60
C THR B 127 0.06 4.57 16.46
N HIS B 128 -0.71 4.65 17.54
CA HIS B 128 -0.63 5.75 18.49
C HIS B 128 0.19 5.38 19.72
N GLY B 129 1.09 4.42 19.58
CA GLY B 129 2.08 4.25 20.61
C GLY B 129 2.31 2.84 21.08
N SER B 130 1.75 1.85 20.38
CA SER B 130 1.90 0.49 20.85
C SER B 130 3.37 0.07 20.80
N PRO B 131 3.85 -0.65 21.82
CA PRO B 131 5.24 -1.16 21.78
C PRO B 131 5.51 -2.21 20.70
N VAL B 132 4.48 -2.91 20.18
CA VAL B 132 4.70 -3.87 19.09
C VAL B 132 4.61 -3.23 17.72
N ASN B 133 4.44 -1.92 17.65
CA ASN B 133 4.25 -1.18 16.41
C ASN B 133 5.45 -0.25 16.22
N PHE B 134 5.70 0.19 14.98
CA PHE B 134 6.79 1.14 14.77
C PHE B 134 6.66 2.35 15.70
N SER B 135 5.43 2.75 16.01
CA SER B 135 5.22 3.98 16.77
C SER B 135 5.87 3.88 18.15
N GLY B 136 5.56 2.82 18.89
CA GLY B 136 6.15 2.64 20.21
C GLY B 136 7.61 2.23 20.17
N LYS B 137 8.03 1.56 19.09
CA LYS B 137 9.43 1.15 18.98
C LYS B 137 10.35 2.31 18.65
N THR B 138 9.86 3.28 17.89
CA THR B 138 10.71 4.33 17.36
C THR B 138 10.69 5.58 18.23
N TYR B 139 9.59 5.84 18.92
CA TYR B 139 9.48 7.04 19.75
C TYR B 139 9.16 6.65 21.19
N HIS B 140 9.27 7.61 22.10
CA HIS B 140 8.97 7.34 23.50
C HIS B 140 7.53 7.77 23.75
N PHE B 141 6.60 6.82 23.69
CA PHE B 141 5.19 7.17 23.83
C PHE B 141 4.77 7.10 25.30
N VAL B 142 3.98 8.07 25.70
CA VAL B 142 3.30 8.06 26.98
C VAL B 142 1.82 8.14 26.66
N ALA B 143 1.03 7.29 27.28
CA ALA B 143 -0.37 7.18 26.92
C ALA B 143 -1.22 8.06 27.82
N TYR B 144 -2.28 8.62 27.25
CA TYR B 144 -3.40 9.12 28.03
C TYR B 144 -4.59 8.20 27.75
N GLY B 145 -5.58 8.28 28.62
CA GLY B 145 -6.73 7.42 28.48
C GLY B 145 -8.03 8.15 28.73
N VAL B 146 -9.04 7.44 29.25
CA VAL B 146 -10.30 8.05 29.60
C VAL B 146 -10.48 7.97 31.11
N ASP B 147 -11.44 8.73 31.62
CA ASP B 147 -11.78 8.69 33.03
C ASP B 147 -12.41 7.33 33.37
N PRO B 148 -12.07 6.72 34.50
CA PRO B 148 -12.59 5.37 34.78
C PRO B 148 -14.10 5.34 34.99
N THR B 149 -14.70 6.43 35.51
CA THR B 149 -16.14 6.48 35.78
C THR B 149 -16.94 6.88 34.55
N THR B 150 -16.61 8.03 33.93
CA THR B 150 -17.36 8.52 32.78
C THR B 150 -16.91 7.89 31.45
N GLU B 151 -15.70 7.34 31.41
CA GLU B 151 -15.14 6.72 30.21
C GLU B 151 -15.06 7.71 29.04
N VAL B 152 -14.95 9.01 29.31
CA VAL B 152 -14.61 9.99 28.29
C VAL B 152 -13.26 10.61 28.65
N ILE B 153 -12.68 11.29 27.67
CA ILE B 153 -11.39 11.95 27.89
C ILE B 153 -11.55 13.05 28.93
N ASP B 154 -10.64 13.07 29.89
CA ASP B 154 -10.56 14.10 30.92
C ASP B 154 -9.44 15.04 30.49
N TYR B 155 -9.82 16.20 29.95
CA TYR B 155 -8.80 17.06 29.35
C TYR B 155 -7.85 17.63 30.39
N ASN B 156 -8.31 17.78 31.64
CA ASN B 156 -7.36 18.25 32.64
C ASN B 156 -6.34 17.17 33.01
N VAL B 157 -6.70 15.89 32.91
CA VAL B 157 -5.71 14.83 33.12
C VAL B 157 -4.70 14.82 31.96
N VAL B 158 -5.17 14.98 30.72
CA VAL B 158 -4.25 15.11 29.60
C VAL B 158 -3.29 16.28 29.82
N ARG B 159 -3.83 17.43 30.25
CA ARG B 159 -3.00 18.61 30.54
C ARG B 159 -1.93 18.30 31.59
N ILE B 160 -2.31 17.67 32.70
CA ILE B 160 -1.35 17.27 33.73
C ILE B 160 -0.25 16.40 33.14
N LEU B 161 -0.65 15.37 32.36
CA LEU B 161 0.32 14.49 31.71
C LEU B 161 1.28 15.27 30.81
N ALA B 162 0.76 16.20 30.02
CA ALA B 162 1.61 16.95 29.11
C ALA B 162 2.68 17.72 29.89
N ARG B 163 2.26 18.46 30.93
CA ARG B 163 3.26 19.25 31.67
C ARG B 163 4.25 18.36 32.39
N LYS B 164 3.82 17.20 32.87
CA LYS B 164 4.75 16.27 33.49
C LYS B 164 5.80 15.78 32.48
N HIS B 165 5.37 15.41 31.27
CA HIS B 165 6.28 14.70 30.36
C HIS B 165 6.95 15.59 29.33
N GLN B 166 6.46 16.79 29.09
CA GLN B 166 7.02 17.70 28.10
C GLN B 166 7.19 17.01 26.74
N PRO B 167 6.09 16.50 26.15
CA PRO B 167 6.22 15.79 24.86
C PRO B 167 6.50 16.77 23.73
N LYS B 168 7.23 16.31 22.72
CA LYS B 168 7.37 17.11 21.50
C LYS B 168 6.08 17.12 20.68
N LEU B 169 5.25 16.11 20.85
CA LEU B 169 4.10 15.89 19.98
C LEU B 169 2.97 15.26 20.80
N ILE B 170 1.77 15.77 20.61
CA ILE B 170 0.56 15.15 21.15
C ILE B 170 -0.25 14.63 19.98
N VAL B 171 -0.69 13.37 20.07
CA VAL B 171 -1.54 12.75 19.05
C VAL B 171 -2.95 12.58 19.62
N ALA B 172 -3.94 13.03 18.85
CA ALA B 172 -5.35 12.86 19.15
C ALA B 172 -6.02 12.06 18.04
N GLY B 173 -7.05 11.31 18.41
CA GLY B 173 -7.76 10.48 17.46
C GLY B 173 -7.76 9.06 17.97
N ALA B 174 -8.65 8.23 17.43
CA ALA B 174 -8.96 6.97 18.09
C ALA B 174 -9.56 5.99 17.08
N SER B 175 -9.42 4.71 17.40
CA SER B 175 -10.12 3.63 16.72
C SER B 175 -11.40 3.19 17.42
N ALA B 176 -11.59 3.49 18.71
CA ALA B 176 -12.72 2.89 19.40
C ALA B 176 -13.25 3.85 20.45
N TYR B 177 -13.36 5.13 20.10
CA TYR B 177 -13.87 6.17 20.98
C TYR B 177 -15.13 6.74 20.34
N GLY B 178 -16.27 6.59 21.01
CA GLY B 178 -17.53 7.01 20.45
C GLY B 178 -17.95 8.45 20.70
N ARG B 179 -17.15 9.26 21.41
CA ARG B 179 -17.56 10.61 21.77
C ARG B 179 -16.77 11.66 21.00
N THR B 180 -17.30 12.86 21.00
CA THR B 180 -16.67 13.98 20.29
C THR B 180 -15.28 14.25 20.85
N ILE B 181 -14.28 14.35 19.97
CA ILE B 181 -12.94 14.76 20.40
C ILE B 181 -12.86 16.27 20.29
N ASP B 182 -12.43 16.92 21.37
CA ASP B 182 -12.35 18.37 21.45
C ASP B 182 -10.95 18.78 21.02
N PHE B 183 -10.80 19.07 19.72
CA PHE B 183 -9.49 19.41 19.19
C PHE B 183 -9.00 20.77 19.72
N ALA B 184 -9.92 21.72 19.90
CA ALA B 184 -9.55 23.00 20.49
C ALA B 184 -8.82 22.80 21.80
N LYS B 185 -9.30 21.88 22.65
CA LYS B 185 -8.65 21.67 23.95
C LYS B 185 -7.31 20.99 23.79
N PHE B 186 -7.22 20.02 22.86
CA PHE B 186 -5.92 19.42 22.58
C PHE B 186 -4.92 20.47 22.12
N ARG B 187 -5.34 21.37 21.24
CA ARG B 187 -4.46 22.44 20.79
C ARG B 187 -4.06 23.35 21.96
N GLU B 188 -5.02 23.69 22.81
CA GLU B 188 -4.73 24.45 24.02
C GLU B 188 -3.62 23.81 24.82
N ILE B 189 -3.72 22.50 25.05
CA ILE B 189 -2.75 21.78 25.87
C ILE B 189 -1.40 21.71 25.16
N ALA B 190 -1.42 21.37 23.87
CA ALA B 190 -0.19 21.35 23.10
C ALA B 190 0.55 22.69 23.21
N ASP B 191 -0.19 23.80 23.05
CA ASP B 191 0.44 25.10 23.12
C ASP B 191 1.07 25.36 24.49
N GLU B 192 0.42 24.92 25.58
CA GLU B 192 0.94 25.21 26.92
C GLU B 192 2.32 24.60 27.14
N VAL B 193 2.59 23.43 26.55
CA VAL B 193 3.84 22.74 26.79
C VAL B 193 4.81 22.86 25.63
N GLY B 194 4.48 23.63 24.59
CA GLY B 194 5.37 23.74 23.45
C GLY B 194 5.37 22.54 22.52
N ALA B 195 4.28 21.78 22.46
CA ALA B 195 4.21 20.59 21.62
C ALA B 195 3.47 20.87 20.33
N LYS B 196 3.77 20.07 19.32
CA LYS B 196 2.94 20.08 18.14
C LYS B 196 1.78 19.11 18.32
N LEU B 197 0.75 19.29 17.49
CA LEU B 197 -0.48 18.50 17.55
C LEU B 197 -0.66 17.76 16.23
N MET B 198 -0.84 16.44 16.33
CA MET B 198 -1.21 15.57 15.21
C MET B 198 -2.58 15.00 15.50
N VAL B 199 -3.49 15.08 14.54
CA VAL B 199 -4.80 14.43 14.65
C VAL B 199 -4.92 13.33 13.60
N ASP B 200 -5.29 12.14 14.04
CA ASP B 200 -5.58 11.02 13.15
C ASP B 200 -7.09 10.89 13.11
N MET B 201 -7.75 11.48 12.10
CA MET B 201 -9.21 11.36 12.00
C MET B 201 -9.71 10.15 11.23
N ALA B 202 -8.92 9.09 11.07
CA ALA B 202 -9.32 8.02 10.16
C ALA B 202 -10.80 7.64 10.32
N HIS B 203 -11.24 7.40 11.55
CA HIS B 203 -12.59 6.86 11.73
C HIS B 203 -13.66 7.89 11.42
N ILE B 204 -13.42 9.17 11.70
CA ILE B 204 -14.47 10.19 11.64
C ILE B 204 -14.36 11.08 10.40
N ALA B 205 -13.48 10.74 9.45
CA ALA B 205 -13.22 11.65 8.33
C ALA B 205 -14.49 11.96 7.52
N GLY B 206 -15.31 10.95 7.22
CA GLY B 206 -16.57 11.21 6.54
C GLY B 206 -17.48 12.13 7.33
N LEU B 207 -17.58 11.90 8.66
CA LEU B 207 -18.38 12.78 9.50
C LEU B 207 -17.82 14.20 9.49
N VAL B 208 -16.49 14.33 9.55
CA VAL B 208 -15.87 15.66 9.46
C VAL B 208 -16.21 16.31 8.12
N ALA B 209 -16.07 15.55 7.02
CA ALA B 209 -16.38 16.08 5.70
C ALA B 209 -17.83 16.57 5.61
N ALA B 210 -18.76 15.89 6.31
CA ALA B 210 -20.17 16.27 6.29
C ALA B 210 -20.49 17.39 7.26
N GLY B 211 -19.52 17.90 8.01
CA GLY B 211 -19.77 18.92 9.00
C GLY B 211 -20.46 18.42 10.26
N LEU B 212 -20.32 17.13 10.59
CA LEU B 212 -21.02 16.51 11.71
C LEU B 212 -20.10 16.16 12.86
N HIS B 213 -18.82 16.47 12.75
CA HIS B 213 -17.85 16.35 13.82
C HIS B 213 -16.93 17.54 13.62
N PRO B 214 -16.51 18.21 14.69
CA PRO B 214 -15.58 19.33 14.52
C PRO B 214 -14.40 18.90 13.66
N ASN B 215 -13.95 19.83 12.80
CA ASN B 215 -12.88 19.58 11.85
C ASN B 215 -11.54 19.82 12.52
N PRO B 216 -10.66 18.82 12.62
CA PRO B 216 -9.36 19.05 13.27
C PRO B 216 -8.37 19.84 12.43
N VAL B 217 -8.63 20.02 11.13
CA VAL B 217 -7.57 20.50 10.24
C VAL B 217 -7.07 21.88 10.66
N PRO B 218 -7.92 22.86 11.02
CA PRO B 218 -7.39 24.17 11.46
C PRO B 218 -6.60 24.13 12.75
N TYR B 219 -6.75 23.08 13.56
CA TYR B 219 -6.07 22.99 14.86
C TYR B 219 -4.76 22.24 14.81
N ALA B 220 -4.66 21.20 13.99
CA ALA B 220 -3.53 20.29 14.03
C ALA B 220 -2.42 20.78 13.10
N ASP B 221 -1.17 20.63 13.53
CA ASP B 221 -0.06 20.77 12.59
C ASP B 221 -0.23 19.84 11.39
N ILE B 222 -0.55 18.58 11.64
CA ILE B 222 -0.78 17.59 10.58
C ILE B 222 -2.03 16.79 10.93
N THR B 223 -2.89 16.57 9.95
CA THR B 223 -4.03 15.66 10.07
C THR B 223 -3.82 14.47 9.13
N THR B 224 -3.90 13.27 9.66
CA THR B 224 -3.85 12.06 8.85
C THR B 224 -5.22 11.40 8.81
N THR B 225 -5.42 10.53 7.82
CA THR B 225 -6.67 9.80 7.74
C THR B 225 -6.48 8.61 6.82
N THR B 226 -7.39 7.64 6.93
CA THR B 226 -7.58 6.63 5.91
C THR B 226 -8.70 7.10 5.00
N THR B 227 -8.82 6.47 3.86
CA THR B 227 -9.88 6.84 2.92
C THR B 227 -11.04 5.84 2.92
N HIS B 228 -10.99 4.79 3.74
CA HIS B 228 -11.89 3.63 3.58
C HIS B 228 -12.86 3.40 4.74
N LYS B 229 -12.94 4.30 5.72
CA LYS B 229 -13.90 4.07 6.80
C LYS B 229 -15.19 4.87 6.56
N THR B 230 -15.47 5.92 7.35
CA THR B 230 -16.68 6.69 7.09
C THR B 230 -16.58 7.47 5.79
N LEU B 231 -15.38 7.65 5.23
CA LEU B 231 -15.24 8.32 3.95
C LEU B 231 -15.69 7.45 2.78
N ARG B 232 -15.76 6.13 2.98
CA ARG B 232 -16.34 5.22 1.99
C ARG B 232 -15.53 5.19 0.69
N GLY B 233 -14.22 5.20 0.80
CA GLY B 233 -13.35 5.11 -0.35
C GLY B 233 -12.53 3.84 -0.32
N PRO B 234 -11.56 3.74 -1.23
CA PRO B 234 -10.69 2.55 -1.26
C PRO B 234 -9.77 2.53 -0.06
N ARG B 235 -9.13 1.38 0.19
CA ARG B 235 -8.17 1.29 1.28
C ARG B 235 -6.92 2.09 0.92
N GLY B 236 -6.57 3.03 1.79
CA GLY B 236 -5.40 3.86 1.58
C GLY B 236 -5.36 4.96 2.62
N GLY B 237 -4.31 5.78 2.51
CA GLY B 237 -4.09 6.86 3.45
C GLY B 237 -4.01 8.22 2.76
N MET B 238 -3.94 9.25 3.61
CA MET B 238 -3.90 10.65 3.24
C MET B 238 -3.31 11.49 4.37
N ILE B 239 -2.58 12.55 3.98
CA ILE B 239 -2.02 13.49 4.95
C ILE B 239 -2.40 14.90 4.55
N LEU B 240 -2.85 15.70 5.53
CA LEU B 240 -3.26 17.09 5.30
C LEU B 240 -2.47 18.03 6.19
N THR B 241 -2.27 19.26 5.72
CA THR B 241 -1.63 20.28 6.56
C THR B 241 -1.92 21.66 5.99
N ASN B 242 -1.85 22.67 6.86
CA ASN B 242 -1.98 24.05 6.42
C ASN B 242 -0.64 24.77 6.36
N ASP B 243 0.45 24.07 6.64
CA ASP B 243 1.77 24.67 6.81
C ASP B 243 2.64 24.26 5.61
N GLU B 244 3.01 25.23 4.78
CA GLU B 244 3.75 24.87 3.58
C GLU B 244 5.07 24.19 3.91
N ALA B 245 5.73 24.60 5.01
CA ALA B 245 6.99 23.96 5.39
C ALA B 245 6.79 22.49 5.81
N LEU B 246 5.71 22.20 6.53
CA LEU B 246 5.43 20.81 6.85
C LEU B 246 5.02 20.05 5.60
N ALA B 247 4.29 20.69 4.68
CA ALA B 247 3.89 20.01 3.45
C ALA B 247 5.10 19.44 2.73
N LYS B 248 6.16 20.25 2.60
CA LYS B 248 7.38 19.77 1.93
C LYS B 248 8.00 18.60 2.68
N LYS B 249 7.96 18.64 4.02
CA LYS B 249 8.53 17.52 4.77
C LYS B 249 7.65 16.29 4.65
N ILE B 250 6.33 16.49 4.65
CA ILE B 250 5.42 15.37 4.45
C ILE B 250 5.72 14.71 3.12
N ASN B 251 5.78 15.51 2.05
CA ASN B 251 5.97 14.94 0.71
C ASN B 251 7.26 14.16 0.63
N SER B 252 8.36 14.69 1.19
CA SER B 252 9.65 14.00 1.16
C SER B 252 9.62 12.73 1.98
N ALA B 253 8.91 12.77 3.11
CA ALA B 253 8.82 11.61 3.98
C ALA B 253 8.06 10.48 3.29
N VAL B 254 6.97 10.80 2.59
CA VAL B 254 6.24 9.76 1.87
C VAL B 254 7.12 9.19 0.77
N PHE B 255 7.70 10.06 -0.06
CA PHE B 255 8.54 9.62 -1.14
C PHE B 255 9.61 10.68 -1.34
N PRO B 256 10.90 10.31 -1.36
CA PRO B 256 11.43 8.93 -1.31
C PRO B 256 11.64 8.37 0.09
N GLY B 257 11.08 9.00 1.13
CA GLY B 257 11.31 8.59 2.50
C GLY B 257 10.90 7.16 2.83
N ILE B 258 9.63 6.81 2.63
CA ILE B 258 9.20 5.49 3.09
C ILE B 258 8.45 4.67 2.05
N GLN B 259 8.04 5.28 0.93
CA GLN B 259 7.39 4.55 -0.16
C GLN B 259 8.20 4.71 -1.45
N GLY B 260 7.84 3.91 -2.46
CA GLY B 260 8.30 4.11 -3.82
C GLY B 260 7.16 4.53 -4.73
N GLY B 261 6.78 3.68 -5.69
CA GLY B 261 5.68 4.03 -6.57
C GLY B 261 4.35 4.07 -5.81
N PRO B 262 3.55 5.12 -6.05
CA PRO B 262 2.19 5.15 -5.51
C PRO B 262 1.27 4.23 -6.30
N LEU B 263 0.16 3.86 -5.65
CA LEU B 263 -0.85 3.02 -6.30
C LEU B 263 -1.83 3.94 -7.04
N GLU B 264 -1.53 4.28 -8.30
CA GLU B 264 -2.35 5.32 -8.94
C GLU B 264 -3.77 4.83 -9.22
N HIS B 265 -3.98 3.51 -9.37
CA HIS B 265 -5.35 3.03 -9.51
C HIS B 265 -6.12 3.23 -8.21
N VAL B 266 -5.48 3.03 -7.06
CA VAL B 266 -6.15 3.28 -5.79
C VAL B 266 -6.40 4.79 -5.63
N ILE B 267 -5.42 5.61 -6.02
CA ILE B 267 -5.58 7.06 -5.95
C ILE B 267 -6.75 7.51 -6.81
N ALA B 268 -6.96 6.88 -7.97
CA ALA B 268 -8.15 7.23 -8.77
C ALA B 268 -9.44 6.93 -8.02
N GLY B 269 -9.49 5.80 -7.30
CA GLY B 269 -10.62 5.54 -6.42
C GLY B 269 -10.78 6.52 -5.28
N LYS B 270 -9.66 7.07 -4.78
CA LYS B 270 -9.75 8.17 -3.82
C LYS B 270 -10.40 9.39 -4.45
N ALA B 271 -9.93 9.78 -5.65
CA ALA B 271 -10.57 10.87 -6.40
C ALA B 271 -12.07 10.62 -6.63
N VAL B 272 -12.42 9.38 -6.98
CA VAL B 272 -13.84 9.03 -7.16
C VAL B 272 -14.61 9.22 -5.85
N ALA B 273 -14.11 8.62 -4.78
CA ALA B 273 -14.79 8.71 -3.49
C ALA B 273 -14.87 10.14 -2.99
N PHE B 274 -13.88 10.98 -3.29
CA PHE B 274 -13.92 12.35 -2.78
C PHE B 274 -14.99 13.17 -3.48
N LYS B 275 -15.19 12.96 -4.80
CA LYS B 275 -16.30 13.64 -5.44
C LYS B 275 -17.63 13.14 -4.92
N GLU B 276 -17.75 11.83 -4.67
CA GLU B 276 -18.95 11.32 -4.03
C GLU B 276 -19.21 12.05 -2.72
N ALA B 277 -18.15 12.30 -1.95
CA ALA B 277 -18.32 12.97 -0.66
C ALA B 277 -18.65 14.45 -0.80
N LEU B 278 -18.35 15.07 -1.96
CA LEU B 278 -18.72 16.47 -2.19
C LEU B 278 -20.18 16.64 -2.58
N ASP B 279 -20.87 15.57 -2.87
CA ASP B 279 -22.27 15.62 -3.25
C ASP B 279 -23.15 15.80 -2.00
N PRO B 280 -24.17 16.66 -2.04
CA PRO B 280 -25.05 16.84 -0.87
C PRO B 280 -25.63 15.54 -0.31
N ALA B 281 -25.80 14.50 -1.14
CA ALA B 281 -26.27 13.21 -0.64
C ALA B 281 -25.35 12.61 0.41
N PHE B 282 -24.06 12.95 0.38
CA PHE B 282 -23.13 12.39 1.37
C PHE B 282 -23.44 12.92 2.77
N LYS B 283 -23.83 14.18 2.88
CA LYS B 283 -24.19 14.70 4.19
C LYS B 283 -25.38 13.94 4.78
N GLU B 284 -26.37 13.61 3.93
CA GLU B 284 -27.52 12.86 4.42
C GLU B 284 -27.13 11.45 4.82
N TYR B 285 -26.23 10.82 4.07
CA TYR B 285 -25.69 9.53 4.45
C TYR B 285 -25.05 9.58 5.83
N SER B 286 -24.16 10.55 6.04
CA SER B 286 -23.43 10.66 7.30
C SER B 286 -24.36 10.99 8.46
N GLU B 287 -25.36 11.86 8.22
CA GLU B 287 -26.39 12.10 9.23
C GLU B 287 -27.06 10.79 9.64
N GLN B 288 -27.34 9.92 8.66
CA GLN B 288 -28.00 8.65 8.96
C GLN B 288 -27.10 7.70 9.72
N ILE B 289 -25.79 7.72 9.44
CA ILE B 289 -24.84 6.92 10.22
C ILE B 289 -25.01 7.22 11.70
N ILE B 290 -25.02 8.50 12.07
CA ILE B 290 -25.03 8.87 13.48
C ILE B 290 -26.39 8.57 14.11
N ALA B 291 -27.47 8.93 13.41
CA ALA B 291 -28.82 8.60 13.89
C ALA B 291 -28.95 7.10 14.13
N ASN B 292 -28.54 6.27 13.16
CA ASN B 292 -28.57 4.82 13.33
C ASN B 292 -27.76 4.37 14.54
N ALA B 293 -26.60 4.99 14.76
CA ALA B 293 -25.75 4.61 15.89
C ALA B 293 -26.41 4.97 17.22
N LYS B 294 -26.98 6.16 17.33
CA LYS B 294 -27.64 6.54 18.57
C LYS B 294 -28.86 5.66 18.84
N ALA B 295 -29.67 5.41 17.80
CA ALA B 295 -30.77 4.48 17.93
C ALA B 295 -30.31 3.15 18.50
N MET B 296 -29.18 2.65 18.01
CA MET B 296 -28.68 1.37 18.46
C MET B 296 -28.22 1.44 19.91
N VAL B 297 -27.60 2.55 20.30
CA VAL B 297 -27.13 2.74 21.67
C VAL B 297 -28.31 2.84 22.64
N LYS B 298 -29.43 3.41 22.19
CA LYS B 298 -30.63 3.45 23.02
C LYS B 298 -31.13 2.05 23.33
N VAL B 299 -31.05 1.14 22.36
CA VAL B 299 -31.46 -0.25 22.61
C VAL B 299 -30.54 -0.92 23.61
N PHE B 300 -29.22 -0.75 23.45
CA PHE B 300 -28.28 -1.41 24.34
C PHE B 300 -28.36 -0.84 25.76
N ASN B 301 -28.60 0.45 25.89
CA ASN B 301 -28.69 1.09 27.19
C ASN B 301 -29.83 0.51 28.03
N GLN B 302 -30.91 0.07 27.38
CA GLN B 302 -32.07 -0.44 28.07
C GLN B 302 -32.14 -1.96 28.06
N ALA B 303 -31.13 -2.63 27.55
CA ALA B 303 -31.04 -4.07 27.60
C ALA B 303 -30.29 -4.49 28.86
N ILE B 304 -30.47 -5.74 29.25
CA ILE B 304 -29.83 -6.29 30.43
C ILE B 304 -28.50 -6.90 30.01
N GLY B 305 -27.39 -6.30 30.45
CA GLY B 305 -26.09 -6.93 30.34
C GLY B 305 -25.21 -6.45 29.20
N THR B 306 -25.66 -5.50 28.40
CA THR B 306 -24.85 -4.91 27.32
C THR B 306 -24.60 -3.47 27.70
N ARG B 307 -23.51 -3.24 28.42
CA ARG B 307 -23.20 -1.91 28.93
C ARG B 307 -22.47 -1.10 27.85
N VAL B 308 -23.00 0.07 27.52
CA VAL B 308 -22.39 0.93 26.50
C VAL B 308 -21.30 1.76 27.16
N ILE B 309 -20.06 1.63 26.64
CA ILE B 309 -18.96 2.41 27.19
C ILE B 309 -19.29 3.88 27.08
N SER B 310 -19.23 4.59 28.21
CA SER B 310 -19.51 6.02 28.33
C SER B 310 -21.00 6.32 28.25
N GLY B 311 -21.86 5.33 28.01
CA GLY B 311 -23.30 5.51 28.00
C GLY B 311 -23.92 6.18 26.79
N ALA B 312 -23.13 6.63 25.82
CA ALA B 312 -23.66 7.36 24.66
C ALA B 312 -22.69 7.27 23.50
N THR B 313 -23.12 7.78 22.35
CA THR B 313 -22.26 7.95 21.19
C THR B 313 -22.57 9.28 20.52
N ASP B 314 -21.53 9.97 20.05
CA ASP B 314 -21.65 11.14 19.22
C ASP B 314 -21.32 10.85 17.75
N ASN B 315 -20.90 9.64 17.43
CA ASN B 315 -20.43 9.39 16.09
C ASN B 315 -20.99 8.08 15.55
N HIS B 316 -20.16 7.29 14.87
CA HIS B 316 -20.60 6.10 14.15
C HIS B 316 -20.46 4.81 14.95
N LEU B 317 -19.84 4.82 16.13
CA LEU B 317 -19.50 3.56 16.77
C LEU B 317 -19.89 3.54 18.25
N MET B 318 -19.85 2.33 18.82
CA MET B 318 -20.09 2.10 20.24
C MET B 318 -19.20 0.95 20.65
N LEU B 319 -18.77 0.95 21.92
CA LEU B 319 -18.19 -0.22 22.56
C LEU B 319 -19.19 -0.80 23.56
N ILE B 320 -19.30 -2.12 23.59
CA ILE B 320 -20.22 -2.81 24.47
C ILE B 320 -19.42 -3.66 25.45
N ASP B 321 -19.56 -3.36 26.74
CA ASP B 321 -19.06 -4.19 27.82
C ASP B 321 -20.02 -5.37 28.02
N VAL B 322 -19.50 -6.60 27.87
CA VAL B 322 -20.32 -7.81 27.97
C VAL B 322 -20.02 -8.60 29.25
N ARG B 323 -19.29 -8.02 30.20
CA ARG B 323 -18.87 -8.78 31.38
C ARG B 323 -20.08 -9.29 32.17
N GLU B 324 -21.14 -8.47 32.26
CA GLU B 324 -22.38 -8.84 32.96
C GLU B 324 -23.00 -10.12 32.42
N LEU B 325 -22.67 -10.51 31.19
CA LEU B 325 -23.30 -11.63 30.52
C LEU B 325 -22.54 -12.94 30.72
N GLY B 326 -21.51 -12.94 31.55
CA GLY B 326 -20.70 -14.13 31.77
C GLY B 326 -19.76 -14.49 30.65
N ILE B 327 -19.60 -13.63 29.64
CA ILE B 327 -18.76 -13.91 28.49
C ILE B 327 -17.73 -12.79 28.34
N ASN B 328 -16.63 -13.11 27.68
CA ASN B 328 -15.65 -12.12 27.24
C ASN B 328 -15.92 -11.74 25.78
N GLY B 329 -15.22 -10.70 25.31
CA GLY B 329 -15.49 -10.18 23.97
C GLY B 329 -15.26 -11.21 22.87
N LYS B 330 -14.24 -12.06 23.03
CA LYS B 330 -13.97 -13.10 22.05
C LYS B 330 -15.14 -14.07 21.95
N GLU B 331 -15.77 -14.41 23.07
CA GLU B 331 -16.93 -15.29 23.03
C GLU B 331 -18.13 -14.58 22.43
N ALA B 332 -18.31 -13.30 22.76
CA ALA B 332 -19.42 -12.55 22.19
C ALA B 332 -19.29 -12.48 20.68
N GLU B 333 -18.10 -12.12 20.19
CA GLU B 333 -17.85 -12.12 18.75
C GLU B 333 -18.18 -13.47 18.14
N SER B 334 -17.87 -14.55 18.85
CA SER B 334 -18.13 -15.90 18.36
C SER B 334 -19.63 -16.19 18.27
N ILE B 335 -20.37 -15.87 19.34
CA ILE B 335 -21.83 -16.05 19.30
C ILE B 335 -22.41 -15.34 18.09
N LEU B 336 -22.01 -14.08 17.88
CA LEU B 336 -22.68 -13.28 16.87
C LEU B 336 -22.31 -13.73 15.47
N ASP B 337 -21.08 -14.18 15.26
CA ASP B 337 -20.73 -14.76 13.97
C ASP B 337 -21.63 -15.93 13.65
N SER B 338 -21.91 -16.77 14.66
CA SER B 338 -22.75 -17.96 14.48
C SER B 338 -24.15 -17.62 13.98
N VAL B 339 -24.61 -16.38 14.16
CA VAL B 339 -25.90 -15.94 13.66
C VAL B 339 -25.74 -14.89 12.56
N ASN B 340 -24.58 -14.82 11.91
CA ASN B 340 -24.38 -13.97 10.73
C ASN B 340 -24.32 -12.49 11.09
N ILE B 341 -23.75 -12.17 12.24
CA ILE B 341 -23.54 -10.79 12.64
C ILE B 341 -22.07 -10.62 12.92
N THR B 342 -21.42 -9.74 12.16
CA THR B 342 -19.97 -9.57 12.23
C THR B 342 -19.65 -8.33 13.05
N VAL B 343 -18.88 -8.53 14.14
CA VAL B 343 -18.32 -7.49 14.98
C VAL B 343 -16.86 -7.83 15.24
N ASN B 344 -16.18 -7.01 16.04
CA ASN B 344 -14.86 -7.41 16.48
C ASN B 344 -14.77 -7.29 18.00
N LYS B 345 -14.17 -8.31 18.63
CA LYS B 345 -13.77 -8.15 20.02
C LYS B 345 -12.86 -6.93 20.14
N ASN B 346 -12.96 -6.25 21.27
CA ASN B 346 -12.32 -4.95 21.41
C ASN B 346 -12.03 -4.70 22.87
N SER B 347 -10.82 -4.26 23.18
CA SER B 347 -10.53 -3.87 24.56
C SER B 347 -11.43 -2.71 24.98
N ILE B 348 -11.75 -2.64 26.28
CA ILE B 348 -12.53 -1.52 26.82
C ILE B 348 -11.65 -0.72 27.78
N PRO B 349 -11.97 0.52 28.10
CA PRO B 349 -11.14 1.28 29.04
C PRO B 349 -10.80 0.47 30.30
N PHE B 350 -9.55 0.55 30.73
CA PHE B 350 -9.05 -0.20 31.89
C PHE B 350 -9.29 -1.70 31.73
N GLU B 351 -9.19 -2.18 30.49
CA GLU B 351 -9.27 -3.61 30.19
C GLU B 351 -8.36 -4.44 31.11
N THR B 352 -8.94 -5.50 31.70
CA THR B 352 -8.24 -6.42 32.61
C THR B 352 -7.85 -7.75 31.97
N LEU B 353 -8.42 -8.08 30.82
CA LEU B 353 -8.13 -9.32 30.12
C LEU B 353 -7.11 -9.09 29.00
N SER B 354 -6.65 -10.21 28.41
CA SER B 354 -5.72 -10.16 27.29
C SER B 354 -6.32 -9.39 26.13
N PRO B 355 -5.49 -8.67 25.37
CA PRO B 355 -6.02 -7.94 24.19
C PRO B 355 -6.67 -8.85 23.14
N PHE B 356 -6.45 -10.17 23.21
CA PHE B 356 -7.06 -11.13 22.30
C PHE B 356 -8.25 -11.88 22.92
N LYS B 357 -8.54 -11.60 24.19
CA LYS B 357 -9.78 -12.00 24.86
C LYS B 357 -10.75 -10.82 24.90
N THR B 358 -10.34 -9.74 25.59
CA THR B 358 -11.08 -8.49 25.74
C THR B 358 -12.36 -8.67 26.53
N SER B 359 -12.86 -7.58 27.09
CA SER B 359 -14.12 -7.58 27.81
C SER B 359 -15.27 -7.00 27.00
N GLY B 360 -15.09 -6.81 25.69
CA GLY B 360 -16.11 -6.10 24.93
C GLY B 360 -16.10 -6.40 23.45
N ILE B 361 -17.07 -5.82 22.75
CA ILE B 361 -17.16 -5.83 21.29
C ILE B 361 -17.36 -4.40 20.83
N ARG B 362 -16.95 -4.13 19.59
CA ARG B 362 -17.13 -2.83 18.96
C ARG B 362 -18.15 -2.97 17.85
N ILE B 363 -19.08 -2.02 17.78
CA ILE B 363 -20.11 -2.00 16.75
C ILE B 363 -20.14 -0.63 16.09
N GLY B 364 -20.26 -0.60 14.76
CA GLY B 364 -20.45 0.65 14.06
C GLY B 364 -21.47 0.51 12.96
N THR B 365 -22.01 1.65 12.55
CA THR B 365 -23.11 1.65 11.59
C THR B 365 -22.81 2.07 10.15
N PRO B 366 -21.59 2.49 9.78
CA PRO B 366 -21.40 2.98 8.40
C PRO B 366 -21.80 1.95 7.33
N ALA B 367 -21.47 0.67 7.49
CA ALA B 367 -21.72 -0.29 6.42
C ALA B 367 -23.22 -0.55 6.25
N ILE B 368 -23.93 -0.84 7.35
CA ILE B 368 -25.37 -1.09 7.23
C ILE B 368 -26.09 0.16 6.77
N THR B 369 -25.60 1.35 7.17
CA THR B 369 -26.21 2.57 6.66
C THR B 369 -26.05 2.67 5.14
N THR B 370 -24.89 2.24 4.63
CA THR B 370 -24.68 2.26 3.18
C THR B 370 -25.65 1.32 2.47
N ARG B 371 -25.92 0.15 3.07
CA ARG B 371 -26.93 -0.77 2.55
C ARG B 371 -28.33 -0.16 2.50
N GLY B 372 -28.58 0.88 3.29
CA GLY B 372 -29.86 1.57 3.29
C GLY B 372 -30.63 1.48 4.60
N PHE B 373 -30.11 0.83 5.65
CA PHE B 373 -30.81 0.77 6.93
C PHE B 373 -31.21 2.16 7.42
N LYS B 374 -32.45 2.29 7.90
CA LYS B 374 -32.88 3.48 8.61
C LYS B 374 -32.96 3.21 10.12
N GLU B 375 -33.39 4.24 10.86
CA GLU B 375 -33.43 4.16 12.32
C GLU B 375 -34.14 2.88 12.78
N GLU B 376 -35.32 2.61 12.22
CA GLU B 376 -36.07 1.43 12.62
C GLU B 376 -35.27 0.16 12.38
N ASP B 377 -34.52 0.10 11.28
CA ASP B 377 -33.73 -1.10 10.98
C ASP B 377 -32.53 -1.25 11.91
N ALA B 378 -31.93 -0.14 12.34
CA ALA B 378 -30.84 -0.22 13.29
C ALA B 378 -31.31 -0.73 14.65
N VAL B 379 -32.48 -0.25 15.10
CA VAL B 379 -33.08 -0.78 16.33
C VAL B 379 -33.21 -2.29 16.22
N LYS B 380 -33.73 -2.77 15.10
CA LYS B 380 -33.88 -4.22 14.95
C LYS B 380 -32.55 -4.94 15.10
N VAL B 381 -31.47 -4.37 14.55
CA VAL B 381 -30.17 -5.04 14.63
C VAL B 381 -29.72 -5.13 16.08
N ALA B 382 -29.84 -4.02 16.83
CA ALA B 382 -29.43 -4.02 18.22
C ALA B 382 -30.23 -5.05 19.02
N GLU B 383 -31.51 -5.25 18.67
CA GLU B 383 -32.32 -6.22 19.41
C GLU B 383 -31.89 -7.64 19.09
N LEU B 384 -31.55 -7.92 17.84
CA LEU B 384 -31.03 -9.23 17.50
C LEU B 384 -29.70 -9.48 18.19
N VAL B 385 -28.87 -8.45 18.29
CA VAL B 385 -27.59 -8.60 18.99
C VAL B 385 -27.83 -8.91 20.46
N VAL B 386 -28.73 -8.16 21.09
CA VAL B 386 -29.07 -8.39 22.49
C VAL B 386 -29.62 -9.80 22.67
N LYS B 387 -30.60 -10.17 21.85
CA LYS B 387 -31.22 -11.49 21.95
C LYS B 387 -30.18 -12.60 21.85
N ALA B 388 -29.24 -12.48 20.91
CA ALA B 388 -28.28 -13.56 20.71
C ALA B 388 -27.33 -13.71 21.88
N LEU B 389 -26.90 -12.59 22.47
CA LEU B 389 -26.00 -12.65 23.63
C LEU B 389 -26.73 -13.03 24.92
N GLN B 390 -28.03 -12.77 25.00
CA GLN B 390 -28.80 -13.22 26.17
C GLN B 390 -29.18 -14.69 26.06
N ALA B 391 -29.58 -15.14 24.87
CA ALA B 391 -29.77 -16.56 24.61
C ALA B 391 -28.51 -17.31 25.03
N LYS B 392 -28.44 -17.71 26.30
CA LYS B 392 -27.29 -18.47 26.79
C LYS B 392 -27.27 -19.83 26.10
N ASP B 393 -27.23 -19.83 24.76
CA ASP B 393 -27.12 -21.02 23.94
C ASP B 393 -28.44 -21.79 23.83
N ASP B 394 -29.57 -21.14 24.11
CA ASP B 394 -30.87 -21.66 23.69
C ASP B 394 -30.89 -21.71 22.16
N ASN B 395 -30.80 -22.92 21.59
CA ASN B 395 -30.78 -23.05 20.14
C ASN B 395 -32.03 -22.45 19.50
N ALA B 396 -33.18 -22.54 20.17
CA ALA B 396 -34.40 -21.98 19.60
C ALA B 396 -34.26 -20.49 19.36
N GLN B 397 -33.57 -19.78 20.27
CA GLN B 397 -33.48 -18.34 20.15
C GLN B 397 -32.40 -17.91 19.15
N LEU B 398 -31.25 -18.59 19.14
CA LEU B 398 -30.23 -18.26 18.16
C LEU B 398 -30.74 -18.45 16.74
N ASP B 399 -31.67 -19.39 16.54
CA ASP B 399 -32.24 -19.59 15.21
C ASP B 399 -33.26 -18.51 14.85
N GLU B 400 -34.00 -18.00 15.82
CA GLU B 400 -34.85 -16.84 15.54
C GLU B 400 -34.02 -15.66 15.11
N VAL B 401 -32.87 -15.46 15.76
CA VAL B 401 -32.00 -14.33 15.44
C VAL B 401 -31.45 -14.48 14.03
N LYS B 402 -30.93 -15.67 13.71
CA LYS B 402 -30.50 -15.98 12.34
C LYS B 402 -31.58 -15.60 11.33
N THR B 403 -32.85 -15.84 11.66
CA THR B 403 -33.93 -15.49 10.76
C THR B 403 -34.11 -13.98 10.68
N GLY B 404 -34.02 -13.29 11.82
CA GLY B 404 -34.10 -11.84 11.79
C GLY B 404 -33.01 -11.22 10.93
N VAL B 405 -31.82 -11.81 10.93
CA VAL B 405 -30.74 -11.31 10.08
C VAL B 405 -31.09 -11.53 8.61
N ARG B 406 -31.43 -12.77 8.25
CA ARG B 406 -31.90 -13.07 6.89
C ARG B 406 -32.98 -12.07 6.45
N GLU B 407 -33.93 -11.76 7.33
CA GLU B 407 -34.97 -10.81 6.96
C GLU B 407 -34.38 -9.46 6.59
N LEU B 408 -33.39 -9.02 7.35
CA LEU B 408 -32.83 -7.68 7.15
C LEU B 408 -31.96 -7.63 5.89
N THR B 409 -31.12 -8.65 5.67
CA THR B 409 -30.26 -8.62 4.48
C THR B 409 -31.09 -8.66 3.21
N GLU B 410 -32.19 -9.44 3.21
CA GLU B 410 -33.03 -9.49 2.02
C GLU B 410 -33.77 -8.18 1.77
N LYS B 411 -34.17 -7.48 2.83
CA LYS B 411 -34.82 -6.19 2.63
C LYS B 411 -33.84 -5.14 2.10
N PHE B 412 -32.54 -5.30 2.37
CA PHE B 412 -31.50 -4.35 1.97
C PHE B 412 -30.38 -5.09 1.24
N PRO B 413 -30.60 -5.51 0.00
CA PRO B 413 -29.52 -6.18 -0.75
C PRO B 413 -28.46 -5.18 -1.21
N LEU B 414 -27.35 -5.72 -1.70
CA LEU B 414 -26.27 -4.94 -2.25
C LEU B 414 -26.42 -4.78 -3.77
N HIS B 415 -25.59 -3.92 -4.35
CA HIS B 415 -25.62 -3.65 -5.79
C HIS B 415 -24.84 -4.69 -6.61
N PLS C . 11.86 -0.02 -8.68
CA PLS C . 11.51 1.28 -9.24
CB PLS C . 12.22 2.45 -8.56
OG PLS C . 11.59 2.77 -7.34
C PLS C . 11.95 1.17 -10.71
O PLS C . 12.88 0.38 -10.94
OXT PLS C . 11.45 1.87 -11.65
N1 PLS C . 13.32 -3.11 -4.95
C2 PLS C . 13.74 -2.91 -6.22
C2A PLS C . 14.92 -3.70 -6.78
C3 PLS C . 13.08 -1.98 -7.02
O3 PLS C . 13.55 -1.79 -8.33
C4 PLS C . 12.02 -1.26 -6.52
C4A PLS C . 11.26 -0.22 -7.37
C5 PLS C . 11.60 -1.48 -5.24
C6 PLS C . 12.28 -2.41 -4.46
C5A PLS C . 10.44 -0.67 -4.62
O4P PLS C . 9.18 -1.11 -4.98
P PLS C . 7.88 -0.11 -4.81
O1P PLS C . 7.87 0.49 -3.39
O2P PLS C . 6.66 -0.97 -5.00
O3P PLS C . 8.01 0.97 -5.86
HN PLS C . 12.85 -0.07 -8.59
HA PLS C . 10.45 1.49 -9.11
HB1 PLS C . 12.19 3.32 -9.21
HB2 PLS C . 13.26 2.17 -8.36
HOG PLS C . 10.66 2.60 -7.38
H2A1 PLS C . 15.33 -4.35 -6.00
H2A2 PLS C . 15.69 -3.02 -7.13
H2A3 PLS C . 14.58 -4.33 -7.61
HO3 PLS C . 14.48 -1.73 -8.33
H4A1 PLS C . 11.27 0.73 -6.84
H4A2 PLS C . 10.24 -0.54 -7.50
H6 PLS C . 11.96 -2.58 -3.43
H5A1 PLS C . 10.55 0.37 -4.93
H5A2 PLS C . 10.53 -0.72 -3.54
C10 A1L3N D . 18.26 5.96 -10.86
N12 A1L3N D . 19.04 3.41 -9.66
C13 A1L3N D . 15.97 7.15 -9.78
C15 A1L3N D . 15.89 9.30 -10.88
C17 A1L3N D . 16.40 9.17 -8.55
C20 A1L3N D . 15.38 3.63 -11.33
C21 A1L3N D . 13.06 6.47 -7.95
C22 A1L3N D . 15.63 10.02 -12.20
C24 A1L3N D . 16.73 9.81 -7.21
C26 A1L3N D . 17.60 10.97 -4.92
C28 A1L3N D . 19.92 11.23 -3.74
C01 A1L3N D . 15.88 5.60 -9.84
C02 A1L3N D . 15.22 5.04 -8.55
C03 A1L3N D . 15.82 3.94 -7.88
C05 A1L3N D . 17.86 4.05 -9.17
C06 A1L3N D . 17.30 5.17 -9.99
C07 A1L3N D . 14.08 5.36 -7.73
C14 A1L3N D . 15.81 7.92 -10.92
C16 A1L3N D . 16.20 9.94 -9.68
C18 A1L3N D . 16.30 7.78 -8.58
C19 A1L3N D . 15.18 5.15 -11.13
C25 A1L3N D . 17.03 10.31 -6.18
C27 A1L3N D . 19.13 10.72 -4.93
C30 A1L3N D . 13.68 5.49 -11.23
N08 A1L3N D . 14.08 4.49 -6.72
N09 A1L3N D . 15.09 3.64 -6.81
N11 A1L3N D . 18.95 6.58 -11.49
O04 A1L3N D . 17.00 3.29 -8.38
O23 A1L3N D . 15.44 11.39 -12.01
O29 A1L3N D . 20.25 12.58 -3.94
H121 A1L3N D . 19.90 3.47 -9.14
H122 A1L3N D . 19.01 2.92 -10.53
H201 A1L3N D . 16.33 3.46 -11.81
H203 A1L3N D . 14.58 3.25 -11.95
H202 A1L3N D . 15.36 3.14 -10.38
H212 A1L3N D . 13.56 7.33 -8.39
H213 A1L3N D . 12.62 6.74 -7.00
H211 A1L3N D . 12.28 6.11 -8.62
H222 A1L3N D . 14.75 9.61 -12.67
H221 A1L3N D . 16.49 9.88 -12.86
H262 A1L3N D . 17.16 10.53 -4.03
H261 A1L3N D . 17.40 12.03 -4.92
H282 A1L3N D . 20.84 10.64 -3.63
H281 A1L3N D . 19.32 11.13 -2.83
H141 A1L3N D . 15.59 7.42 -11.86
H161 A1L3N D . 16.29 11.01 -9.65
H181 A1L3N D . 16.47 7.20 -7.70
H191 A1L3N D . 15.65 5.71 -11.92
H271 A1L3N D . 19.53 11.19 -5.83
H272 A1L3N D . 19.28 9.64 -5.01
H302 A1L3N D . 13.10 4.58 -11.15
H301 A1L3N D . 13.48 5.98 -12.18
H303 A1L3N D . 13.41 6.17 -10.42
H231 A1L3N D . 14.60 11.65 -12.36
H291 A1L3N D . 19.49 13.04 -4.26
N PLS E . -8.18 1.00 12.28
CA PLS E . -8.51 -0.43 12.28
CB PLS E . -7.51 -1.27 13.06
OG PLS E . -6.34 -1.35 12.29
C PLS E . -9.92 -0.48 12.89
O PLS E . -10.35 0.53 13.50
OXT PLS E . -10.65 -1.49 12.81
N1 PLS E . -5.53 5.27 12.22
C2 PLS E . -6.69 4.87 12.83
C2A PLS E . -7.43 5.82 13.79
C3 PLS E . -7.20 3.60 12.57
O3 PLS E . -8.39 3.22 13.20
C4 PLS E . -6.56 2.75 11.71
C4A PLS E . -7.10 1.34 11.40
C5 PLS E . -5.42 3.17 11.12
C6 PLS E . -4.90 4.44 11.37
C5A PLS E . -4.65 2.23 10.18
O4P PLS E . -5.11 2.24 8.87
P PLS E . -4.58 0.98 7.92
O1P PLS E . -3.08 0.81 8.07
O2P PLS E . -5.02 1.35 6.52
O3P PLS E . -5.21 -0.33 8.34
HN PLS E . -7.90 1.24 13.21
HA PLS E . -8.48 -0.85 11.28
HB1 PLS E . -7.91 -2.26 13.24
HB2 PLS E . -7.29 -0.80 14.02
HOG PLS E . -5.58 -1.20 12.84
H2A1 PLS E . -6.84 6.72 13.93
H2A2 PLS E . -7.57 5.33 14.75
H2A3 PLS E . -8.40 6.08 13.37
HO3 PLS E . -8.35 3.40 14.13
H4A1 PLS E . -6.29 0.63 11.52
H4A2 PLS E . -7.46 1.32 10.36
H6 PLS E . -3.98 4.75 10.89
H5A1 PLS E . -4.75 1.22 10.56
H5A2 PLS E . -3.62 2.52 10.18
C10 A1L3N F . -8.50 -2.92 20.30
N12 A1L3N F . -8.12 0.04 20.08
C13 A1L3N F . -7.24 -4.46 18.31
C15 A1L3N F . -7.64 -6.78 18.90
C17 A1L3N F . -5.48 -5.78 19.25
C20 A1L3N F . -9.75 -1.93 16.81
C21 A1L3N F . -5.76 -4.31 15.18
C22 A1L3N F . -8.61 -7.96 18.96
C24 A1L3N F . -4.05 -5.92 19.74
C26 A1L3N F . -1.50 -6.18 20.65
C28 A1L3N F . -0.46 -7.65 18.79
C01 A1L3N F . -7.75 -3.11 17.77
C02 A1L3N F . -6.69 -2.46 16.85
C03 A1L3N F . -6.35 -1.09 17.00
C05 A1L3N F . -7.56 -0.83 19.08
C06 A1L3N F . -8.04 -2.26 19.01
C07 A1L3N F . -5.85 -2.92 15.78
C14 A1L3N F . -8.08 -5.57 18.39
C16 A1L3N F . -6.33 -6.88 19.33
C18 A1L3N F . -5.94 -4.57 18.76
C19 A1L3N F . -9.10 -3.29 17.06
C25 A1L3N F . -2.94 -6.07 20.13
C27 A1L3N F . -0.52 -6.27 19.48
C30 A1L3N F . -9.08 -4.06 15.75
N08 A1L3N F . -5.13 -1.87 15.42
N09 A1L3N F . -5.42 -0.79 16.11
N11 A1L3N F . -8.83 -3.42 21.26
O04 A1L3N F . -6.97 -0.22 17.97
O23 A1L3N F . -7.99 -9.16 19.41
O29 A1L3N F . 0.76 -8.32 19.03
H121 A1L3N F . -7.56 0.34 20.86
H122 A1L3N F . -9.07 0.37 20.00
H201 A1L3N F . -10.22 -1.58 17.71
H203 A1L3N F . -10.48 -2.02 16.02
H202 A1L3N F . -8.98 -1.22 16.50
H212 A1L3N F . -5.93 -5.06 15.95
H213 A1L3N F . -4.78 -4.45 14.74
H211 A1L3N F . -6.51 -4.42 14.40
H222 A1L3N F . -9.01 -8.14 17.97
H221 A1L3N F . -9.43 -7.72 19.64
H262 A1L3N F . -1.41 -7.06 21.27
H261 A1L3N F . -1.27 -5.30 21.25
H282 A1L3N F . -0.58 -7.51 17.72
H281 A1L3N F . -1.29 -8.25 19.17
H141 A1L3N F . -9.10 -5.48 18.04
H161 A1L3N F . -5.96 -7.82 19.73
H181 A1L3N F . -5.28 -3.72 18.71
H191 A1L3N F . -9.66 -3.91 17.75
H271 A1L3N F . 0.48 -6.03 19.85
H272 A1L3N F . -0.80 -5.53 18.73
H302 A1L3N F . -9.16 -3.37 14.92
H301 A1L3N F . -9.93 -4.75 15.73
H303 A1L3N F . -8.15 -4.62 15.66
H231 A1L3N F . -8.22 -9.87 18.83
H291 A1L3N F . 0.64 -8.94 19.74
#